data_6UCS
#
_entry.id   6UCS
#
_cell.length_a   46.566
_cell.length_b   47.099
_cell.length_c   68.984
_cell.angle_alpha   89.060
_cell.angle_beta   89.820
_cell.angle_gamma   74.180
#
_symmetry.space_group_name_H-M   'P 1'
#
loop_
_entity.id
_entity.type
_entity.pdbx_description
1 polymer 'WD repeat-containing protein 5'
2 non-polymer 2-amino-3-{[(5P)-2-[(3,5-dimethoxyphenyl)methyl]-5-(4-fluoro-2-methylphenyl)-1-oxo-1,2,3,4-tetrahydroisoquinolin-7-yl]methyl}-1-methyl-1H-imidazol-3-ium
3 water water
#
_entity_poly.entity_id   1
_entity_poly.type   'polypeptide(L)'
_entity_poly.pdbx_seq_one_letter_code
;SATQSKPTPVKPNYALKFTLAGHTKAVSSVKFSPNGEWLASSSADKLIKIWGAYDGKFEKTISGHKLGISDVAWSSDSNL
LVSASDDKTLKIWDVSSGKCLKTLKGHSNYVFCCNFNPQSNLIVSGSFDESVRIWDVKTGKCLKTLPAHSDPVSAVHFNR
DGSLIVSSSYDGLCRIWDTASGQCLKTLIDDDNPPVSFVKFSPNGKYILAATLDNTLKLWDYSKGKCLKTYTGHKNEKYC
IFANFSVTGGKWIVSGSEDNLVYIWNLQTKEIVQKLQGHTDVVISTACHPTENIIASAALENDKTIKLWKSDC
;
_entity_poly.pdbx_strand_id   A,B
#
loop_
_chem_comp.id
_chem_comp.type
_chem_comp.name
_chem_comp.formula
Q41 non-polymer 2-amino-3-{[(5P)-2-[(3,5-dimethoxyphenyl)methyl]-5-(4-fluoro-2-methylphenyl)-1-oxo-1,2,3,4-tetrahydroisoquinolin-7-yl]methyl}-1-methyl-1H-imidazol-3-ium 'C30 H32 F N4 O3 1'
#
# COMPACT_ATOMS: atom_id res chain seq x y z
N ALA A 2 16.25 21.99 17.08
CA ALA A 2 15.64 21.50 15.85
C ALA A 2 15.24 20.03 15.94
N THR A 3 14.01 19.80 15.59
CA THR A 3 13.48 18.47 15.57
C THR A 3 12.44 18.39 14.47
N GLN A 4 12.07 17.19 14.18
CA GLN A 4 11.08 16.89 13.19
C GLN A 4 9.80 16.61 13.96
N SER A 5 8.74 17.32 13.61
CA SER A 5 7.47 17.14 14.30
C SER A 5 6.45 16.50 13.38
N LYS A 6 5.49 15.80 14.00
CA LYS A 6 4.37 15.24 13.28
C LYS A 6 3.19 16.21 13.37
N PRO A 7 2.82 16.88 12.28
CA PRO A 7 1.63 17.73 12.34
C PRO A 7 0.38 16.90 12.58
N THR A 8 -0.41 17.30 13.58
CA THR A 8 -1.64 16.60 13.95
C THR A 8 -2.79 17.61 13.94
N PRO A 9 -3.33 17.92 12.75
CA PRO A 9 -4.42 18.89 12.68
C PRO A 9 -5.69 18.36 13.32
N VAL A 10 -6.41 19.25 14.02
CA VAL A 10 -7.62 18.83 14.70
C VAL A 10 -8.81 18.82 13.74
N LYS A 11 -8.90 19.83 12.87
CA LYS A 11 -9.96 19.93 11.88
C LYS A 11 -9.41 20.42 10.56
N PRO A 12 -10.01 20.01 9.43
CA PRO A 12 -9.70 20.63 8.16
C PRO A 12 -10.44 21.97 8.06
N ASN A 13 -10.18 22.71 6.99
CA ASN A 13 -10.85 23.98 6.78
C ASN A 13 -11.30 24.10 5.33
N TYR A 14 -11.95 23.07 4.81
CA TYR A 14 -12.46 23.08 3.45
C TYR A 14 -13.39 24.28 3.25
N ALA A 15 -13.15 25.02 2.16
CA ALA A 15 -13.93 26.19 1.80
C ALA A 15 -14.25 26.12 0.31
N LEU A 16 -15.43 26.62 -0.05
CA LEU A 16 -15.91 26.53 -1.42
C LEU A 16 -15.10 27.44 -2.33
N LYS A 17 -14.58 26.89 -3.43
CA LYS A 17 -13.78 27.64 -4.39
C LYS A 17 -14.46 27.77 -5.75
N PHE A 18 -15.16 26.74 -6.20
CA PHE A 18 -15.80 26.77 -7.51
C PHE A 18 -17.11 25.98 -7.46
N THR A 19 -18.10 26.47 -8.21
CA THR A 19 -19.36 25.76 -8.43
C THR A 19 -19.49 25.53 -9.94
N LEU A 20 -19.73 24.29 -10.34
CA LEU A 20 -19.68 23.87 -11.74
C LEU A 20 -21.09 23.58 -12.24
N ALA A 21 -21.56 24.39 -13.18
CA ALA A 21 -22.87 24.20 -13.78
C ALA A 21 -22.74 23.69 -15.21
N GLY A 22 -23.77 22.98 -15.67
CA GLY A 22 -23.75 22.49 -17.03
C GLY A 22 -24.68 21.31 -17.24
N HIS A 23 -24.75 20.41 -16.27
CA HIS A 23 -25.70 19.31 -16.39
C HIS A 23 -27.12 19.83 -16.26
N THR A 24 -28.05 19.20 -16.97
CA THR A 24 -29.42 19.66 -17.05
C THR A 24 -30.38 18.80 -16.25
N LYS A 25 -29.89 17.70 -15.66
CA LYS A 25 -30.64 16.89 -14.71
C LYS A 25 -29.73 16.54 -13.55
N ALA A 26 -30.20 15.69 -12.64
CA ALA A 26 -29.41 15.33 -11.45
C ALA A 26 -28.03 14.81 -11.83
N VAL A 27 -27.02 15.25 -11.08
CA VAL A 27 -25.69 14.68 -11.19
C VAL A 27 -25.64 13.42 -10.35
N SER A 28 -25.05 12.36 -10.89
CA SER A 28 -25.06 11.05 -10.23
C SER A 28 -23.74 10.65 -9.61
N SER A 29 -22.61 11.12 -10.15
CA SER A 29 -21.31 10.67 -9.67
C SER A 29 -20.25 11.66 -10.14
N VAL A 30 -19.27 11.93 -9.28
CA VAL A 30 -18.08 12.68 -9.67
C VAL A 30 -16.84 11.91 -9.20
N LYS A 31 -15.79 11.92 -10.02
CA LYS A 31 -14.57 11.18 -9.72
C LYS A 31 -13.35 11.94 -10.24
N PHE A 32 -12.32 12.05 -9.41
CA PHE A 32 -11.05 12.62 -9.84
C PHE A 32 -10.23 11.59 -10.62
N SER A 33 -9.58 12.05 -11.70
CA SER A 33 -8.67 11.18 -12.42
C SER A 33 -7.48 10.84 -11.53
N PRO A 34 -6.92 9.63 -11.68
CA PRO A 34 -5.77 9.25 -10.83
C PRO A 34 -4.57 10.15 -10.95
N ASN A 35 -4.34 10.78 -12.11
CA ASN A 35 -3.22 11.70 -12.24
C ASN A 35 -3.54 13.09 -11.69
N GLY A 36 -4.73 13.27 -11.11
CA GLY A 36 -5.11 14.51 -10.45
C GLY A 36 -5.49 15.65 -11.37
N GLU A 37 -5.49 15.44 -12.69
CA GLU A 37 -5.71 16.55 -13.62
C GLU A 37 -7.18 16.86 -13.85
N TRP A 38 -8.05 15.86 -13.73
CA TRP A 38 -9.41 15.98 -14.23
C TRP A 38 -10.43 15.52 -13.19
N LEU A 39 -11.64 16.05 -13.35
CA LEU A 39 -12.83 15.57 -12.66
C LEU A 39 -13.83 15.14 -13.72
N ALA A 40 -14.38 13.94 -13.57
CA ALA A 40 -15.43 13.44 -14.45
C ALA A 40 -16.75 13.43 -13.70
N SER A 41 -17.83 13.80 -14.38
CA SER A 41 -19.17 13.79 -13.80
C SER A 41 -20.11 13.06 -14.73
N SER A 42 -21.05 12.33 -14.15
CA SER A 42 -22.13 11.67 -14.90
C SER A 42 -23.46 12.24 -14.45
N SER A 43 -24.47 12.17 -15.32
CA SER A 43 -25.76 12.73 -14.92
C SER A 43 -26.92 11.97 -15.54
N ALA A 44 -28.10 12.18 -14.95
CA ALA A 44 -29.34 11.67 -15.54
C ALA A 44 -29.61 12.30 -16.90
N ASP A 45 -28.91 13.38 -17.26
CA ASP A 45 -29.08 13.99 -18.58
C ASP A 45 -28.39 13.19 -19.70
N LYS A 46 -27.94 11.97 -19.41
CA LYS A 46 -27.29 11.04 -20.34
C LYS A 46 -25.88 11.44 -20.71
N LEU A 47 -25.31 12.41 -20.01
CA LEU A 47 -24.01 12.97 -20.38
C LEU A 47 -22.96 12.69 -19.31
N ILE A 48 -21.73 12.62 -19.78
CA ILE A 48 -20.53 12.73 -18.97
C ILE A 48 -19.90 14.09 -19.28
N LYS A 49 -19.38 14.76 -18.25
CA LYS A 49 -18.66 16.01 -18.46
C LYS A 49 -17.29 15.93 -17.79
N ILE A 50 -16.29 16.49 -18.45
CA ILE A 50 -14.92 16.55 -17.95
C ILE A 50 -14.60 17.99 -17.61
N TRP A 51 -14.04 18.19 -16.41
CA TRP A 51 -13.70 19.48 -15.84
C TRP A 51 -12.27 19.46 -15.34
N GLY A 52 -11.65 20.64 -15.29
CA GLY A 52 -10.32 20.76 -14.69
C GLY A 52 -10.40 20.52 -13.20
N ALA A 53 -9.49 19.68 -12.68
CA ALA A 53 -9.59 19.27 -11.29
C ALA A 53 -9.25 20.40 -10.32
N TYR A 54 -8.44 21.37 -10.76
CA TYR A 54 -7.97 22.41 -9.86
C TYR A 54 -8.74 23.71 -9.98
N ASP A 55 -9.21 24.08 -11.18
CA ASP A 55 -9.96 25.31 -11.39
C ASP A 55 -11.41 25.06 -11.76
N GLY A 56 -11.82 23.81 -11.92
CA GLY A 56 -13.19 23.50 -12.29
C GLY A 56 -13.57 23.91 -13.69
N LYS A 57 -12.61 24.31 -14.52
CA LYS A 57 -12.92 24.79 -15.86
C LYS A 57 -13.52 23.67 -16.70
N PHE A 58 -14.68 23.93 -17.30
CA PHE A 58 -15.30 22.94 -18.16
C PHE A 58 -14.37 22.58 -19.30
N GLU A 59 -14.18 21.29 -19.50
CA GLU A 59 -13.31 20.81 -20.57
C GLU A 59 -14.09 20.21 -21.73
N LYS A 60 -14.99 19.26 -21.49
CA LYS A 60 -15.71 18.68 -22.62
C LYS A 60 -16.95 17.92 -22.17
N THR A 61 -17.81 17.62 -23.13
CA THR A 61 -19.00 16.80 -22.93
C THR A 61 -18.87 15.52 -23.75
N ILE A 62 -19.19 14.39 -23.13
CA ILE A 62 -19.11 13.07 -23.74
C ILE A 62 -20.51 12.46 -23.74
N SER A 63 -20.99 12.11 -24.93
CA SER A 63 -22.34 11.58 -25.11
C SER A 63 -22.43 10.32 -25.96
N GLY A 64 -23.59 9.66 -25.90
CA GLY A 64 -23.84 8.45 -26.64
C GLY A 64 -24.73 7.47 -25.88
N HIS A 65 -24.83 7.61 -24.57
CA HIS A 65 -25.73 6.73 -23.82
C HIS A 65 -27.17 7.13 -24.16
N LYS A 66 -28.08 6.17 -24.16
CA LYS A 66 -29.47 6.42 -24.55
C LYS A 66 -30.37 6.79 -23.38
N LEU A 67 -29.94 6.56 -22.15
CA LEU A 67 -30.68 6.91 -20.94
C LEU A 67 -29.69 7.48 -19.93
N GLY A 68 -30.17 7.76 -18.72
CA GLY A 68 -29.31 8.39 -17.73
C GLY A 68 -28.13 7.51 -17.35
N ILE A 69 -27.06 8.18 -16.90
CA ILE A 69 -25.83 7.52 -16.46
C ILE A 69 -25.79 7.58 -14.93
N SER A 70 -25.59 6.42 -14.29
N SER A 70 -25.56 6.43 -14.31
CA SER A 70 -25.47 6.34 -12.84
CA SER A 70 -25.47 6.36 -12.85
C SER A 70 -24.05 6.62 -12.35
C SER A 70 -24.05 6.60 -12.34
N ASP A 71 -23.03 6.15 -13.07
CA ASP A 71 -21.70 6.10 -12.51
C ASP A 71 -20.66 6.24 -13.61
N VAL A 72 -19.49 6.76 -13.25
CA VAL A 72 -18.33 6.81 -14.13
C VAL A 72 -17.10 6.43 -13.30
N ALA A 73 -16.08 5.91 -13.98
CA ALA A 73 -14.86 5.53 -13.28
C ALA A 73 -13.68 5.60 -14.24
N TRP A 74 -12.52 5.97 -13.71
CA TRP A 74 -11.29 6.18 -14.47
C TRP A 74 -10.41 4.94 -14.49
N SER A 75 -9.72 4.73 -15.62
CA SER A 75 -8.63 3.76 -15.64
C SER A 75 -7.41 4.33 -14.93
N SER A 76 -6.48 3.44 -14.60
CA SER A 76 -5.35 3.82 -13.75
C SER A 76 -4.43 4.82 -14.43
N ASP A 77 -4.31 4.76 -15.76
CA ASP A 77 -3.49 5.71 -16.51
C ASP A 77 -4.24 6.99 -16.88
N SER A 78 -5.47 7.18 -16.38
CA SER A 78 -6.28 8.38 -16.57
C SER A 78 -6.70 8.60 -18.01
N ASN A 79 -6.50 7.63 -18.90
CA ASN A 79 -6.81 7.79 -20.31
C ASN A 79 -8.19 7.24 -20.69
N LEU A 80 -8.77 6.37 -19.89
CA LEU A 80 -10.06 5.77 -20.20
C LEU A 80 -11.08 6.08 -19.11
N LEU A 81 -12.35 6.07 -19.49
CA LEU A 81 -13.44 6.08 -18.54
C LEU A 81 -14.38 4.92 -18.85
N VAL A 82 -15.05 4.42 -17.81
CA VAL A 82 -16.16 3.50 -17.99
C VAL A 82 -17.40 4.13 -17.35
N SER A 83 -18.55 3.93 -17.97
CA SER A 83 -19.80 4.49 -17.50
C SER A 83 -20.86 3.40 -17.44
N ALA A 84 -21.74 3.49 -16.44
CA ALA A 84 -22.84 2.56 -16.22
C ALA A 84 -24.13 3.30 -16.45
N SER A 85 -25.05 2.74 -17.25
CA SER A 85 -26.23 3.50 -17.66
C SER A 85 -27.52 2.73 -17.45
N ASP A 86 -28.62 3.50 -17.37
CA ASP A 86 -29.95 2.93 -17.37
C ASP A 86 -30.29 2.27 -18.69
N ASP A 87 -29.53 2.52 -19.75
CA ASP A 87 -29.77 1.84 -21.01
C ASP A 87 -29.26 0.40 -21.00
N LYS A 88 -28.92 -0.12 -19.82
CA LYS A 88 -28.50 -1.49 -19.54
C LYS A 88 -27.09 -1.80 -20.02
N THR A 89 -26.36 -0.80 -20.51
CA THR A 89 -25.00 -1.02 -20.98
C THR A 89 -24.01 -0.26 -20.12
N LEU A 90 -22.75 -0.70 -20.23
CA LEU A 90 -21.61 0.12 -19.85
C LEU A 90 -20.91 0.58 -21.11
N LYS A 91 -20.24 1.72 -21.03
CA LYS A 91 -19.48 2.18 -22.18
C LYS A 91 -18.08 2.55 -21.73
N ILE A 92 -17.10 2.13 -22.54
CA ILE A 92 -15.70 2.49 -22.36
C ILE A 92 -15.36 3.58 -23.35
N TRP A 93 -14.82 4.70 -22.83
CA TRP A 93 -14.52 5.91 -23.58
C TRP A 93 -13.04 6.25 -23.51
N ASP A 94 -12.51 6.74 -24.63
CA ASP A 94 -11.23 7.42 -24.67
C ASP A 94 -11.42 8.87 -24.26
N VAL A 95 -10.84 9.27 -23.12
CA VAL A 95 -11.13 10.59 -22.57
C VAL A 95 -10.62 11.68 -23.49
N SER A 96 -9.46 11.47 -24.11
CA SER A 96 -8.88 12.48 -24.99
C SER A 96 -9.80 12.77 -26.17
N SER A 97 -10.29 11.72 -26.82
CA SER A 97 -11.13 11.93 -28.00
C SER A 97 -12.59 12.12 -27.66
N GLY A 98 -13.02 11.65 -26.48
CA GLY A 98 -14.43 11.70 -26.11
C GLY A 98 -15.30 10.68 -26.79
N LYS A 99 -14.71 9.77 -27.55
CA LYS A 99 -15.43 8.81 -28.37
C LYS A 99 -15.56 7.47 -27.65
N CYS A 100 -16.68 6.79 -27.88
CA CYS A 100 -16.92 5.48 -27.29
C CYS A 100 -16.04 4.43 -27.95
N LEU A 101 -15.24 3.73 -27.15
CA LEU A 101 -14.43 2.63 -27.64
C LEU A 101 -15.19 1.32 -27.64
N LYS A 102 -15.94 1.03 -26.57
CA LYS A 102 -16.65 -0.24 -26.48
C LYS A 102 -17.98 -0.05 -25.77
N THR A 103 -18.96 -0.89 -26.13
CA THR A 103 -20.23 -0.98 -25.42
C THR A 103 -20.34 -2.39 -24.82
N LEU A 104 -20.46 -2.46 -23.50
CA LEU A 104 -20.54 -3.72 -22.77
C LEU A 104 -22.01 -4.04 -22.53
N LYS A 105 -22.50 -5.08 -23.21
CA LYS A 105 -23.88 -5.52 -23.16
C LYS A 105 -23.97 -6.89 -22.49
N GLY A 106 -25.02 -7.07 -21.70
CA GLY A 106 -25.23 -8.32 -20.99
C GLY A 106 -26.18 -8.15 -19.82
N HIS A 107 -26.09 -7.02 -19.11
CA HIS A 107 -27.01 -6.78 -18.01
C HIS A 107 -28.43 -6.67 -18.55
N SER A 108 -29.39 -7.15 -17.77
CA SER A 108 -30.80 -7.16 -18.18
C SER A 108 -31.62 -6.06 -17.51
N ASN A 109 -30.97 -5.17 -16.77
CA ASN A 109 -31.61 -4.04 -16.11
C ASN A 109 -30.57 -2.94 -15.96
N TYR A 110 -30.95 -1.85 -15.29
CA TYR A 110 -30.07 -0.69 -15.14
C TYR A 110 -28.71 -1.12 -14.61
N VAL A 111 -27.64 -0.54 -15.16
CA VAL A 111 -26.30 -0.71 -14.61
C VAL A 111 -26.05 0.46 -13.65
N PHE A 112 -25.81 0.15 -12.38
CA PHE A 112 -25.76 1.19 -11.36
C PHE A 112 -24.35 1.62 -11.00
N CYS A 113 -23.36 0.71 -11.03
CA CYS A 113 -22.05 1.03 -10.51
C CYS A 113 -20.97 0.32 -11.32
N CYS A 114 -19.77 0.91 -11.35
CA CYS A 114 -18.70 0.34 -12.15
C CYS A 114 -17.35 0.77 -11.62
N ASN A 115 -16.32 -0.01 -11.94
CA ASN A 115 -14.94 0.34 -11.60
C ASN A 115 -13.98 -0.47 -12.45
N PHE A 116 -12.83 0.13 -12.76
CA PHE A 116 -11.68 -0.60 -13.29
C PHE A 116 -10.94 -1.27 -12.15
N ASN A 117 -10.19 -2.33 -12.49
CA ASN A 117 -9.23 -2.87 -11.53
C ASN A 117 -7.92 -2.09 -11.63
N PRO A 118 -7.02 -2.23 -10.65
CA PRO A 118 -5.76 -1.48 -10.71
C PRO A 118 -4.97 -1.67 -12.00
N GLN A 119 -4.93 -2.91 -12.53
CA GLN A 119 -4.28 -3.11 -13.83
C GLN A 119 -5.06 -2.48 -14.96
N SER A 120 -6.37 -2.28 -14.78
CA SER A 120 -7.26 -1.68 -15.76
C SER A 120 -7.41 -2.54 -17.00
N ASN A 121 -7.19 -3.86 -16.87
CA ASN A 121 -7.56 -4.81 -17.91
C ASN A 121 -8.93 -5.41 -17.68
N LEU A 122 -9.55 -5.15 -16.53
CA LEU A 122 -10.88 -5.66 -16.20
C LEU A 122 -11.78 -4.52 -15.76
N ILE A 123 -13.09 -4.72 -15.92
CA ILE A 123 -14.09 -3.81 -15.37
C ILE A 123 -15.09 -4.64 -14.57
N VAL A 124 -15.50 -4.14 -13.41
CA VAL A 124 -16.53 -4.77 -12.61
C VAL A 124 -17.75 -3.86 -12.60
N SER A 125 -18.94 -4.47 -12.71
CA SER A 125 -20.18 -3.71 -12.74
C SER A 125 -21.20 -4.36 -11.82
N GLY A 126 -22.07 -3.53 -11.24
CA GLY A 126 -23.22 -4.01 -10.50
C GLY A 126 -24.51 -3.42 -11.07
N SER A 127 -25.59 -4.20 -11.01
CA SER A 127 -26.78 -3.81 -11.75
C SER A 127 -28.05 -4.02 -10.92
N PHE A 128 -29.13 -3.36 -11.35
CA PHE A 128 -30.44 -3.62 -10.79
C PHE A 128 -30.90 -5.05 -11.07
N ASP A 129 -30.27 -5.75 -12.02
CA ASP A 129 -30.59 -7.15 -12.25
C ASP A 129 -29.99 -8.07 -11.20
N GLU A 130 -29.35 -7.51 -10.17
CA GLU A 130 -28.88 -8.19 -8.96
C GLU A 130 -27.59 -8.98 -9.18
N SER A 131 -26.99 -8.85 -10.35
CA SER A 131 -25.75 -9.58 -10.65
C SER A 131 -24.57 -8.61 -10.61
N VAL A 132 -23.39 -9.20 -10.45
CA VAL A 132 -22.12 -8.49 -10.62
C VAL A 132 -21.44 -9.11 -11.82
N ARG A 133 -20.99 -8.28 -12.75
N ARG A 133 -21.00 -8.28 -12.75
CA ARG A 133 -20.35 -8.80 -13.94
CA ARG A 133 -20.35 -8.79 -13.96
C ARG A 133 -18.91 -8.32 -14.03
C ARG A 133 -18.90 -8.33 -14.02
N ILE A 134 -18.06 -9.19 -14.60
CA ILE A 134 -16.64 -8.92 -14.80
C ILE A 134 -16.37 -8.99 -16.29
N TRP A 135 -15.84 -7.89 -16.84
CA TRP A 135 -15.66 -7.66 -18.27
C TRP A 135 -14.18 -7.51 -18.59
N ASP A 136 -13.82 -7.98 -19.79
CA ASP A 136 -12.48 -7.77 -20.33
C ASP A 136 -12.45 -6.44 -21.07
N VAL A 137 -11.56 -5.54 -20.65
CA VAL A 137 -11.47 -4.21 -21.24
C VAL A 137 -11.10 -4.28 -22.72
N LYS A 138 -10.16 -5.16 -23.07
CA LYS A 138 -9.59 -5.14 -24.41
C LYS A 138 -10.59 -5.66 -25.45
N THR A 139 -11.33 -6.72 -25.11
CA THR A 139 -12.32 -7.29 -26.02
C THR A 139 -13.73 -6.77 -25.78
N GLY A 140 -13.99 -6.19 -24.61
CA GLY A 140 -15.35 -5.81 -24.29
C GLY A 140 -16.26 -6.96 -23.95
N LYS A 141 -15.73 -8.17 -23.83
CA LYS A 141 -16.55 -9.35 -23.56
C LYS A 141 -16.75 -9.52 -22.06
N CYS A 142 -17.92 -10.04 -21.70
CA CYS A 142 -18.21 -10.37 -20.31
C CYS A 142 -17.53 -11.68 -19.97
N LEU A 143 -16.60 -11.62 -19.01
CA LEU A 143 -15.87 -12.83 -18.62
C LEU A 143 -16.63 -13.64 -17.59
N LYS A 144 -17.27 -12.98 -16.61
CA LYS A 144 -17.98 -13.71 -15.56
C LYS A 144 -19.24 -12.97 -15.14
N THR A 145 -20.30 -13.73 -14.84
CA THR A 145 -21.54 -13.22 -14.24
C THR A 145 -21.77 -13.88 -12.89
N LEU A 146 -21.78 -13.07 -11.84
CA LEU A 146 -21.88 -13.53 -10.45
C LEU A 146 -23.29 -13.30 -9.95
N PRO A 147 -24.00 -14.35 -9.50
CA PRO A 147 -25.31 -14.15 -8.89
C PRO A 147 -25.14 -13.58 -7.50
N ALA A 148 -24.76 -12.30 -7.44
CA ALA A 148 -24.15 -11.77 -6.23
C ALA A 148 -25.17 -11.49 -5.13
N HIS A 149 -26.37 -11.02 -5.48
CA HIS A 149 -27.29 -10.48 -4.50
C HIS A 149 -28.72 -10.80 -4.91
N SER A 150 -29.65 -10.50 -4.00
CA SER A 150 -31.08 -10.69 -4.25
C SER A 150 -31.85 -9.36 -4.30
N ASP A 151 -31.13 -8.28 -4.60
CA ASP A 151 -31.70 -6.96 -4.82
C ASP A 151 -30.69 -6.16 -5.63
N PRO A 152 -31.03 -4.96 -6.09
CA PRO A 152 -30.07 -4.17 -6.87
C PRO A 152 -28.73 -4.04 -6.15
N VAL A 153 -27.65 -4.06 -6.93
CA VAL A 153 -26.28 -3.96 -6.43
C VAL A 153 -25.91 -2.48 -6.33
N SER A 154 -25.59 -2.02 -5.11
CA SER A 154 -25.35 -0.60 -4.87
C SER A 154 -23.90 -0.17 -5.05
N ALA A 155 -22.93 -1.09 -5.00
CA ALA A 155 -21.53 -0.69 -5.16
C ALA A 155 -20.69 -1.89 -5.54
N VAL A 156 -19.62 -1.64 -6.33
CA VAL A 156 -18.60 -2.63 -6.64
C VAL A 156 -17.23 -1.94 -6.61
N HIS A 157 -16.22 -2.63 -6.07
CA HIS A 157 -14.90 -2.02 -5.94
C HIS A 157 -13.84 -3.09 -5.86
N PHE A 158 -12.74 -2.90 -6.61
CA PHE A 158 -11.60 -3.79 -6.58
C PHE A 158 -10.66 -3.39 -5.44
N ASN A 159 -9.97 -4.39 -4.88
CA ASN A 159 -8.89 -4.10 -3.95
C ASN A 159 -7.65 -3.68 -4.73
N ARG A 160 -6.51 -3.55 -4.04
CA ARG A 160 -5.40 -2.79 -4.61
C ARG A 160 -4.55 -3.59 -5.57
N ASP A 161 -4.67 -4.92 -5.60
CA ASP A 161 -4.05 -5.70 -6.66
C ASP A 161 -5.09 -6.36 -7.56
N GLY A 162 -6.36 -5.99 -7.43
CA GLY A 162 -7.41 -6.54 -8.26
C GLY A 162 -7.83 -7.95 -7.93
N SER A 163 -7.25 -8.56 -6.89
CA SER A 163 -7.57 -9.94 -6.56
C SER A 163 -8.94 -10.09 -5.89
N LEU A 164 -9.52 -9.01 -5.35
CA LEU A 164 -10.78 -9.08 -4.63
C LEU A 164 -11.76 -8.05 -5.17
N ILE A 165 -13.04 -8.38 -5.10
CA ILE A 165 -14.13 -7.46 -5.39
C ILE A 165 -15.03 -7.38 -4.17
N VAL A 166 -15.39 -6.17 -3.75
CA VAL A 166 -16.38 -6.00 -2.70
C VAL A 166 -17.66 -5.49 -3.34
N SER A 167 -18.79 -6.05 -2.93
CA SER A 167 -20.08 -5.62 -3.45
C SER A 167 -21.05 -5.41 -2.29
N SER A 168 -22.04 -4.54 -2.52
CA SER A 168 -23.08 -4.28 -1.54
C SER A 168 -24.42 -4.26 -2.24
N SER A 169 -25.49 -4.42 -1.47
CA SER A 169 -26.80 -4.48 -2.08
C SER A 169 -27.86 -4.06 -1.08
N TYR A 170 -29.02 -3.69 -1.62
CA TYR A 170 -30.23 -3.46 -0.83
C TYR A 170 -30.71 -4.72 -0.13
N ASP A 171 -30.20 -5.91 -0.52
CA ASP A 171 -30.59 -7.10 0.21
C ASP A 171 -30.00 -7.15 1.60
N GLY A 172 -29.16 -6.19 1.98
CA GLY A 172 -28.61 -6.12 3.31
C GLY A 172 -27.25 -6.77 3.46
N LEU A 173 -26.67 -7.25 2.38
CA LEU A 173 -25.42 -8.00 2.43
C LEU A 173 -24.27 -7.17 1.90
N CYS A 174 -23.08 -7.42 2.46
CA CYS A 174 -21.83 -7.03 1.84
C CYS A 174 -21.03 -8.29 1.55
N ARG A 175 -20.55 -8.44 0.32
CA ARG A 175 -19.85 -9.67 -0.03
C ARG A 175 -18.50 -9.37 -0.63
N ILE A 176 -17.56 -10.28 -0.36
CA ILE A 176 -16.22 -10.20 -0.91
C ILE A 176 -16.00 -11.43 -1.78
N TRP A 177 -15.54 -11.19 -3.00
CA TRP A 177 -15.43 -12.16 -4.07
C TRP A 177 -13.99 -12.26 -4.53
N ASP A 178 -13.59 -13.48 -4.87
CA ASP A 178 -12.31 -13.74 -5.51
C ASP A 178 -12.43 -13.44 -7.00
N THR A 179 -11.63 -12.48 -7.48
CA THR A 179 -11.77 -12.03 -8.86
C THR A 179 -11.53 -13.17 -9.85
N ALA A 180 -10.50 -13.98 -9.60
CA ALA A 180 -10.09 -14.99 -10.56
C ALA A 180 -11.16 -16.06 -10.75
N SER A 181 -11.81 -16.47 -9.66
CA SER A 181 -12.77 -17.56 -9.73
C SER A 181 -14.22 -17.12 -9.72
N GLY A 182 -14.49 -15.88 -9.30
CA GLY A 182 -15.86 -15.43 -9.16
C GLY A 182 -16.59 -15.97 -7.96
N GLN A 183 -15.94 -16.73 -7.09
CA GLN A 183 -16.60 -17.33 -5.95
C GLN A 183 -16.52 -16.45 -4.71
N CYS A 184 -17.52 -16.57 -3.86
CA CYS A 184 -17.62 -15.72 -2.68
C CYS A 184 -16.60 -16.14 -1.64
N LEU A 185 -15.81 -15.17 -1.18
CA LEU A 185 -14.85 -15.39 -0.11
C LEU A 185 -15.41 -15.05 1.26
N LYS A 186 -16.33 -14.09 1.32
CA LYS A 186 -16.88 -13.73 2.63
C LYS A 186 -18.19 -12.98 2.47
N THR A 187 -19.09 -13.16 3.43
CA THR A 187 -20.34 -12.41 3.50
C THR A 187 -20.45 -11.76 4.88
N LEU A 188 -20.76 -10.47 4.91
CA LEU A 188 -21.14 -9.77 6.13
C LEU A 188 -22.62 -9.43 6.08
N ILE A 189 -23.34 -9.86 7.11
CA ILE A 189 -24.79 -9.74 7.21
C ILE A 189 -25.15 -9.32 8.63
N ASN A 193 -29.56 -6.49 9.23
CA ASN A 193 -29.54 -6.37 7.77
C ASN A 193 -30.46 -5.24 7.28
N PRO A 194 -30.09 -3.98 7.52
CA PRO A 194 -30.63 -2.89 6.70
C PRO A 194 -29.89 -2.80 5.38
N PRO A 195 -30.48 -2.17 4.36
CA PRO A 195 -29.82 -2.09 3.05
C PRO A 195 -28.42 -1.50 3.14
N VAL A 196 -27.46 -2.13 2.46
CA VAL A 196 -26.10 -1.62 2.37
C VAL A 196 -26.01 -0.80 1.09
N SER A 197 -25.89 0.51 1.26
CA SER A 197 -26.03 1.47 0.18
C SER A 197 -24.70 1.88 -0.45
N PHE A 198 -23.56 1.51 0.15
CA PHE A 198 -22.25 1.83 -0.40
C PHE A 198 -21.18 1.02 0.32
N VAL A 199 -20.14 0.62 -0.42
CA VAL A 199 -18.95 -0.03 0.13
C VAL A 199 -17.74 0.30 -0.72
N LYS A 200 -16.57 0.29 -0.09
CA LYS A 200 -15.32 0.52 -0.83
C LYS A 200 -14.14 0.11 0.04
N PHE A 201 -13.08 -0.37 -0.61
CA PHE A 201 -11.85 -0.69 0.08
C PHE A 201 -11.13 0.59 0.52
N SER A 202 -10.45 0.51 1.66
CA SER A 202 -9.65 1.62 2.15
C SER A 202 -8.39 1.81 1.30
N PRO A 203 -7.75 2.99 1.40
CA PRO A 203 -6.46 3.18 0.71
C PRO A 203 -5.42 2.15 1.07
N ASN A 204 -5.30 1.79 2.35
CA ASN A 204 -4.36 0.75 2.76
C ASN A 204 -4.78 -0.64 2.31
N GLY A 205 -5.99 -0.81 1.77
CA GLY A 205 -6.48 -2.09 1.31
C GLY A 205 -6.88 -3.06 2.41
N LYS A 206 -6.73 -2.69 3.68
CA LYS A 206 -7.05 -3.60 4.77
C LYS A 206 -8.50 -3.50 5.25
N TYR A 207 -9.18 -2.39 5.01
CA TYR A 207 -10.50 -2.17 5.57
C TYR A 207 -11.55 -1.98 4.48
N ILE A 208 -12.80 -2.03 4.92
CA ILE A 208 -13.97 -1.77 4.08
C ILE A 208 -14.79 -0.67 4.77
N LEU A 209 -15.14 0.37 4.01
CA LEU A 209 -16.04 1.40 4.48
C LEU A 209 -17.43 1.11 3.91
N ALA A 210 -18.41 0.92 4.78
CA ALA A 210 -19.73 0.48 4.36
C ALA A 210 -20.80 1.41 4.93
N ALA A 211 -21.73 1.84 4.08
CA ALA A 211 -22.83 2.67 4.49
C ALA A 211 -24.11 1.84 4.52
N THR A 212 -24.96 2.07 5.52
CA THR A 212 -26.26 1.43 5.58
C THR A 212 -27.35 2.50 5.69
N LEU A 213 -28.55 2.17 5.23
CA LEU A 213 -29.65 3.13 5.15
C LEU A 213 -30.30 3.35 6.51
N ASP A 214 -29.49 3.31 7.56
CA ASP A 214 -29.88 3.71 8.91
C ASP A 214 -28.96 4.82 9.40
N ASN A 215 -28.55 5.70 8.50
CA ASN A 215 -27.76 6.90 8.82
C ASN A 215 -26.42 6.53 9.44
N THR A 216 -25.78 5.48 8.91
CA THR A 216 -24.59 4.94 9.54
C THR A 216 -23.53 4.58 8.52
N LEU A 217 -22.28 4.98 8.80
CA LEU A 217 -21.10 4.48 8.11
C LEU A 217 -20.27 3.65 9.08
N LYS A 218 -19.66 2.59 8.58
CA LYS A 218 -18.89 1.69 9.42
C LYS A 218 -17.59 1.32 8.72
N LEU A 219 -16.50 1.36 9.47
CA LEU A 219 -15.19 0.90 9.03
C LEU A 219 -14.96 -0.49 9.63
N TRP A 220 -14.85 -1.48 8.74
CA TRP A 220 -14.72 -2.89 9.09
C TRP A 220 -13.34 -3.41 8.72
N ASP A 221 -12.78 -4.24 9.60
CA ASP A 221 -11.69 -5.12 9.24
C ASP A 221 -12.34 -6.36 8.66
N TYR A 222 -12.25 -6.53 7.34
CA TYR A 222 -13.03 -7.58 6.70
C TYR A 222 -12.48 -8.97 6.99
N SER A 223 -11.17 -9.10 7.16
CA SER A 223 -10.61 -10.42 7.47
C SER A 223 -11.03 -10.88 8.85
N LYS A 224 -10.88 -10.03 9.86
CA LYS A 224 -11.32 -10.39 11.21
C LYS A 224 -12.84 -10.35 11.33
N GLY A 225 -13.52 -9.71 10.39
CA GLY A 225 -14.96 -9.54 10.46
C GLY A 225 -15.42 -8.66 11.61
N LYS A 226 -14.64 -7.65 11.96
CA LYS A 226 -14.91 -6.79 13.10
C LYS A 226 -15.09 -5.35 12.65
N CYS A 227 -16.09 -4.69 13.25
CA CYS A 227 -16.31 -3.27 13.01
C CYS A 227 -15.37 -2.48 13.91
N LEU A 228 -14.50 -1.67 13.30
CA LEU A 228 -13.51 -0.90 14.04
C LEU A 228 -13.96 0.53 14.31
N LYS A 229 -14.69 1.14 13.39
CA LYS A 229 -15.14 2.52 13.62
C LYS A 229 -16.55 2.69 13.08
N THR A 230 -17.28 3.65 13.66
CA THR A 230 -18.60 3.99 13.17
C THR A 230 -18.76 5.50 13.15
N TYR A 231 -19.41 6.00 12.10
CA TYR A 231 -19.57 7.43 11.88
C TYR A 231 -21.05 7.73 11.64
N THR A 232 -21.60 8.64 12.44
CA THR A 232 -23.01 9.02 12.37
C THR A 232 -23.13 10.51 12.56
N GLY A 233 -24.37 11.00 12.41
CA GLY A 233 -24.69 12.40 12.50
C GLY A 233 -25.22 12.99 11.22
N HIS A 234 -24.96 12.34 10.09
CA HIS A 234 -25.50 12.72 8.80
C HIS A 234 -26.86 12.06 8.60
N LYS A 235 -27.50 12.34 7.48
CA LYS A 235 -28.81 11.79 7.16
C LYS A 235 -28.70 10.93 5.91
N ASN A 236 -28.99 9.64 6.05
CA ASN A 236 -28.91 8.71 4.91
C ASN A 236 -29.87 7.56 5.16
N GLU A 237 -31.11 7.72 4.69
CA GLU A 237 -32.11 6.68 4.80
C GLU A 237 -32.72 6.29 3.47
N LYS A 238 -32.33 6.93 2.38
CA LYS A 238 -33.03 6.72 1.12
C LYS A 238 -32.12 6.45 -0.06
N TYR A 239 -30.98 7.15 -0.15
CA TYR A 239 -30.16 7.12 -1.35
C TYR A 239 -28.83 6.40 -1.09
N CYS A 240 -28.26 5.88 -2.17
CA CYS A 240 -26.92 5.32 -2.13
C CYS A 240 -25.93 6.47 -2.32
N ILE A 241 -25.26 6.87 -1.25
CA ILE A 241 -24.38 8.03 -1.26
C ILE A 241 -22.94 7.56 -1.18
N PHE A 242 -22.11 8.09 -2.08
CA PHE A 242 -20.68 7.80 -2.07
C PHE A 242 -20.04 8.32 -0.79
N ALA A 243 -19.10 7.56 -0.26
CA ALA A 243 -18.25 8.01 0.84
C ALA A 243 -16.80 7.74 0.47
N ASN A 244 -15.89 8.42 1.18
CA ASN A 244 -14.48 8.43 0.82
C ASN A 244 -13.61 8.45 2.07
N PHE A 245 -12.40 7.90 1.92
CA PHE A 245 -11.27 8.18 2.79
C PHE A 245 -10.52 9.38 2.24
N SER A 246 -10.30 10.39 3.07
CA SER A 246 -9.42 11.51 2.71
C SER A 246 -8.09 11.33 3.46
N VAL A 247 -7.00 11.17 2.70
CA VAL A 247 -5.72 10.78 3.26
C VAL A 247 -4.58 11.71 2.85
N THR A 248 -4.86 12.75 2.05
CA THR A 248 -3.79 13.63 1.60
C THR A 248 -3.29 14.53 2.72
N GLY A 249 -4.14 14.87 3.68
CA GLY A 249 -3.72 15.63 4.83
C GLY A 249 -4.03 14.89 6.11
N GLY A 250 -4.92 15.42 6.93
CA GLY A 250 -5.46 14.63 8.02
C GLY A 250 -6.28 13.47 7.50
N LYS A 251 -6.41 12.45 8.34
CA LYS A 251 -7.13 11.23 7.98
C LYS A 251 -8.60 11.44 8.30
N TRP A 252 -9.40 11.70 7.26
CA TRP A 252 -10.82 11.98 7.43
C TRP A 252 -11.67 10.94 6.70
N ILE A 253 -12.94 10.86 7.10
CA ILE A 253 -13.99 10.21 6.33
C ILE A 253 -14.90 11.31 5.77
N VAL A 254 -15.26 11.21 4.49
CA VAL A 254 -16.10 12.20 3.82
C VAL A 254 -17.34 11.54 3.24
N SER A 255 -18.49 12.19 3.40
CA SER A 255 -19.72 11.65 2.81
C SER A 255 -20.65 12.79 2.44
N GLY A 256 -21.53 12.52 1.48
CA GLY A 256 -22.68 13.36 1.27
C GLY A 256 -23.75 13.02 2.28
N SER A 257 -24.86 13.74 2.20
CA SER A 257 -25.94 13.57 3.17
C SER A 257 -27.24 14.07 2.57
N GLU A 258 -28.35 13.50 3.06
CA GLU A 258 -29.68 13.87 2.58
C GLU A 258 -30.18 15.18 3.17
N ASP A 259 -29.40 15.82 4.04
CA ASP A 259 -29.71 17.18 4.49
C ASP A 259 -28.90 18.23 3.73
N ASN A 260 -28.41 17.87 2.53
CA ASN A 260 -27.76 18.77 1.58
C ASN A 260 -26.37 19.22 2.02
N LEU A 261 -25.76 18.54 2.99
CA LEU A 261 -24.45 18.92 3.49
C LEU A 261 -23.40 17.87 3.15
N VAL A 262 -22.13 18.28 3.15
CA VAL A 262 -21.02 17.35 3.12
C VAL A 262 -20.50 17.17 4.54
N TYR A 263 -20.42 15.93 5.00
CA TYR A 263 -19.92 15.64 6.34
C TYR A 263 -18.49 15.13 6.28
N ILE A 264 -17.66 15.63 7.20
CA ILE A 264 -16.28 15.21 7.36
C ILE A 264 -16.06 14.82 8.81
N TRP A 265 -15.65 13.57 9.03
CA TRP A 265 -15.36 12.99 10.34
C TRP A 265 -13.87 12.75 10.50
N ASN A 266 -13.40 12.85 11.74
CA ASN A 266 -12.08 12.37 12.10
C ASN A 266 -12.11 10.84 12.09
N LEU A 267 -11.30 10.22 11.22
CA LEU A 267 -11.35 8.76 11.05
C LEU A 267 -11.14 8.04 12.37
N GLN A 268 -10.20 8.50 13.18
CA GLN A 268 -9.84 7.78 14.40
C GLN A 268 -10.79 8.08 15.56
N THR A 269 -11.13 9.35 15.78
CA THR A 269 -11.99 9.68 16.92
C THR A 269 -13.46 9.53 16.59
N LYS A 270 -13.81 9.47 15.31
CA LYS A 270 -15.17 9.44 14.76
C LYS A 270 -15.97 10.71 15.05
N GLU A 271 -15.34 11.77 15.54
CA GLU A 271 -16.02 13.04 15.74
C GLU A 271 -16.21 13.77 14.42
N ILE A 272 -17.37 14.41 14.27
CA ILE A 272 -17.60 15.27 13.11
C ILE A 272 -16.68 16.47 13.23
N VAL A 273 -15.84 16.68 12.23
CA VAL A 273 -14.92 17.81 12.25
C VAL A 273 -15.35 18.93 11.32
N GLN A 274 -16.15 18.64 10.29
CA GLN A 274 -16.60 19.74 9.45
C GLN A 274 -17.90 19.38 8.74
N LYS A 275 -18.73 20.39 8.49
CA LYS A 275 -19.93 20.27 7.67
C LYS A 275 -19.92 21.36 6.62
N LEU A 276 -19.96 20.97 5.36
CA LEU A 276 -19.87 21.89 4.23
C LEU A 276 -21.27 22.20 3.73
N GLN A 277 -21.61 23.49 3.74
CA GLN A 277 -22.93 23.99 3.39
C GLN A 277 -22.88 24.72 2.06
N GLY A 278 -23.90 24.51 1.23
CA GLY A 278 -23.99 25.20 -0.05
C GLY A 278 -24.93 24.57 -1.05
N HIS A 279 -24.94 23.24 -1.09
CA HIS A 279 -25.81 22.54 -2.02
C HIS A 279 -27.28 22.71 -1.62
N THR A 280 -28.16 22.56 -2.61
CA THR A 280 -29.60 22.74 -2.41
C THR A 280 -30.39 21.45 -2.67
N ASP A 281 -29.70 20.31 -2.70
CA ASP A 281 -30.37 19.01 -2.79
C ASP A 281 -29.43 17.97 -2.21
N VAL A 282 -29.92 16.74 -2.10
CA VAL A 282 -29.14 15.63 -1.55
C VAL A 282 -27.76 15.59 -2.18
N VAL A 283 -26.71 15.63 -1.36
CA VAL A 283 -25.35 15.48 -1.85
C VAL A 283 -25.12 14.00 -2.09
N ILE A 284 -25.31 13.57 -3.34
CA ILE A 284 -25.28 12.16 -3.65
C ILE A 284 -23.87 11.65 -3.90
N SER A 285 -22.92 12.54 -4.21
CA SER A 285 -21.60 12.04 -4.52
C SER A 285 -20.55 13.00 -4.00
N THR A 286 -19.46 12.44 -3.47
CA THR A 286 -18.27 13.19 -3.09
C THR A 286 -17.05 12.41 -3.54
N ALA A 287 -15.94 13.13 -3.75
CA ALA A 287 -14.70 12.51 -4.17
C ALA A 287 -13.55 13.34 -3.61
N CYS A 288 -12.44 12.65 -3.35
CA CYS A 288 -11.25 13.26 -2.74
C CYS A 288 -10.11 13.22 -3.74
N HIS A 289 -9.44 14.35 -3.90
CA HIS A 289 -8.33 14.45 -4.86
C HIS A 289 -7.22 13.50 -4.45
N PRO A 290 -6.52 12.87 -5.40
CA PRO A 290 -5.52 11.86 -5.03
C PRO A 290 -4.28 12.42 -4.35
N THR A 291 -3.95 13.70 -4.52
CA THR A 291 -2.72 14.21 -3.92
C THR A 291 -2.89 15.52 -3.16
N GLU A 292 -3.88 16.33 -3.54
CA GLU A 292 -4.15 17.61 -2.90
C GLU A 292 -5.40 17.53 -2.02
N ASN A 293 -5.50 18.47 -1.08
CA ASN A 293 -6.62 18.54 -0.15
C ASN A 293 -7.79 19.24 -0.84
N ILE A 294 -8.47 18.49 -1.72
CA ILE A 294 -9.56 19.00 -2.54
C ILE A 294 -10.69 18.00 -2.52
N ILE A 295 -11.91 18.48 -2.30
CA ILE A 295 -13.11 17.64 -2.33
C ILE A 295 -14.02 18.15 -3.44
N ALA A 296 -14.57 17.21 -4.20
CA ALA A 296 -15.65 17.52 -5.13
C ALA A 296 -16.94 16.91 -4.60
N SER A 297 -18.03 17.65 -4.72
CA SER A 297 -19.34 17.21 -4.28
C SER A 297 -20.36 17.48 -5.37
N ALA A 298 -21.41 16.65 -5.40
CA ALA A 298 -22.44 16.77 -6.41
C ALA A 298 -23.79 16.34 -5.85
N ALA A 299 -24.85 17.00 -6.35
CA ALA A 299 -26.19 16.95 -5.77
C ALA A 299 -27.25 16.65 -6.83
N LEU A 300 -28.45 16.35 -6.35
CA LEU A 300 -29.56 15.91 -7.20
C LEU A 300 -30.27 17.09 -7.85
N GLU A 301 -31.41 16.80 -8.50
CA GLU A 301 -31.96 17.66 -9.54
C GLU A 301 -32.44 19.03 -9.06
N ASN A 302 -32.71 19.23 -7.78
CA ASN A 302 -33.01 20.60 -7.38
C ASN A 302 -31.77 21.49 -7.40
N ASP A 303 -30.59 20.89 -7.57
CA ASP A 303 -29.32 21.59 -7.52
C ASP A 303 -28.55 21.46 -8.83
N LYS A 304 -28.20 20.24 -9.24
CA LYS A 304 -27.55 19.94 -10.51
C LYS A 304 -26.15 20.53 -10.66
N THR A 305 -25.53 21.00 -9.58
CA THR A 305 -24.20 21.58 -9.67
C THR A 305 -23.18 20.68 -8.97
N ILE A 306 -21.92 20.89 -9.35
CA ILE A 306 -20.76 20.28 -8.72
C ILE A 306 -19.98 21.40 -8.04
N LYS A 307 -19.50 21.14 -6.83
CA LYS A 307 -18.74 22.13 -6.08
C LYS A 307 -17.37 21.57 -5.73
N LEU A 308 -16.37 22.43 -5.83
CA LEU A 308 -15.00 22.13 -5.45
C LEU A 308 -14.66 22.89 -4.19
N TRP A 309 -14.16 22.17 -3.18
CA TRP A 309 -13.79 22.73 -1.89
C TRP A 309 -12.33 22.44 -1.63
N LYS A 310 -11.62 23.40 -1.02
CA LYS A 310 -10.19 23.25 -0.76
C LYS A 310 -9.87 23.51 0.71
N SER A 311 -8.92 22.74 1.25
CA SER A 311 -8.51 22.83 2.65
C SER A 311 -7.00 22.99 2.74
N ASP A 312 -6.53 23.51 3.87
CA ASP A 312 -5.10 23.62 4.12
C ASP A 312 -4.49 22.35 4.69
N CYS A 313 -5.31 21.42 5.15
CA CYS A 313 -4.83 20.18 5.76
C CYS A 313 -5.89 19.11 5.61
N THR B 3 -13.98 -20.42 -15.75
CA THR B 3 -12.79 -21.09 -15.27
C THR B 3 -12.01 -20.19 -14.31
N GLN B 4 -11.23 -20.82 -13.45
CA GLN B 4 -10.40 -20.11 -12.52
C GLN B 4 -9.10 -19.81 -13.23
N SER B 5 -8.80 -18.55 -13.29
CA SER B 5 -7.66 -18.02 -13.97
C SER B 5 -6.40 -17.84 -13.19
N LYS B 6 -5.33 -18.20 -13.84
CA LYS B 6 -3.99 -18.09 -13.37
C LYS B 6 -3.31 -16.72 -13.63
N VAL B 10 3.20 -10.38 -15.77
CA VAL B 10 3.65 -9.13 -16.35
C VAL B 10 4.59 -8.31 -15.46
N LYS B 11 5.39 -7.48 -16.13
CA LYS B 11 6.36 -6.55 -15.56
C LYS B 11 5.64 -5.89 -14.37
N PRO B 12 6.30 -5.53 -13.28
CA PRO B 12 5.64 -4.66 -12.30
C PRO B 12 5.69 -3.22 -12.78
N ASN B 13 4.99 -2.33 -12.07
CA ASN B 13 4.96 -0.92 -12.43
C ASN B 13 5.13 -0.05 -11.19
N TYR B 14 6.13 -0.33 -10.38
CA TYR B 14 6.41 0.49 -9.21
C TYR B 14 6.65 1.94 -9.61
N ALA B 15 5.98 2.86 -8.91
CA ALA B 15 6.09 4.29 -9.17
C ALA B 15 6.26 5.01 -7.83
N LEU B 16 7.05 6.08 -7.87
CA LEU B 16 7.36 6.80 -6.64
C LEU B 16 6.13 7.52 -6.13
N LYS B 17 5.81 7.32 -4.85
CA LYS B 17 4.66 7.97 -4.24
C LYS B 17 5.05 8.97 -3.15
N PHE B 18 6.08 8.68 -2.36
CA PHE B 18 6.48 9.55 -1.27
C PHE B 18 7.99 9.52 -1.11
N THR B 19 8.54 10.68 -0.73
CA THR B 19 9.94 10.80 -0.35
C THR B 19 9.97 11.24 1.10
N LEU B 20 10.73 10.52 1.93
CA LEU B 20 10.68 10.68 3.39
C LEU B 20 11.98 11.36 3.83
N ALA B 21 11.89 12.60 4.25
CA ALA B 21 13.04 13.35 4.73
C ALA B 21 13.04 13.59 6.23
N GLY B 22 14.22 13.66 6.81
CA GLY B 22 14.38 13.88 8.21
C GLY B 22 15.76 13.51 8.73
N HIS B 23 16.32 12.43 8.21
CA HIS B 23 17.64 12.02 8.66
C HIS B 23 18.65 13.08 8.23
N THR B 24 19.66 13.31 9.04
CA THR B 24 20.66 14.33 8.78
C THR B 24 22.01 13.75 8.37
N LYS B 25 22.13 12.43 8.39
CA LYS B 25 23.27 11.74 7.80
C LYS B 25 22.74 10.58 6.98
N ALA B 26 23.63 9.72 6.47
CA ALA B 26 23.23 8.59 5.65
C ALA B 26 22.20 7.71 6.37
N VAL B 27 21.20 7.26 5.63
CA VAL B 27 20.29 6.25 6.12
C VAL B 27 20.93 4.88 5.93
N SER B 28 20.85 4.03 6.95
CA SER B 28 21.53 2.74 6.91
C SER B 28 20.59 1.57 6.64
N SER B 29 19.33 1.66 7.05
CA SER B 29 18.44 0.50 6.97
C SER B 29 17.00 0.97 7.13
N VAL B 30 16.09 0.37 6.34
CA VAL B 30 14.66 0.57 6.50
C VAL B 30 13.98 -0.79 6.53
N LYS B 31 12.96 -0.94 7.39
CA LYS B 31 12.25 -2.21 7.54
C LYS B 31 10.78 -1.96 7.85
N PHE B 32 9.91 -2.68 7.15
CA PHE B 32 8.49 -2.63 7.45
C PHE B 32 8.15 -3.46 8.68
N SER B 33 7.26 -2.92 9.51
CA SER B 33 6.76 -3.70 10.63
C SER B 33 5.95 -4.90 10.12
N PRO B 34 5.98 -6.02 10.83
CA PRO B 34 5.22 -7.20 10.37
C PRO B 34 3.73 -6.96 10.21
N ASN B 35 3.13 -6.08 11.01
CA ASN B 35 1.71 -5.79 10.83
C ASN B 35 1.46 -4.82 9.69
N GLY B 36 2.51 -4.41 8.97
CA GLY B 36 2.37 -3.59 7.79
C GLY B 36 2.07 -2.14 8.05
N GLU B 37 2.00 -1.72 9.32
CA GLU B 37 1.56 -0.36 9.64
C GLU B 37 2.69 0.65 9.56
N TRP B 38 3.93 0.23 9.79
CA TRP B 38 5.02 1.16 10.04
C TRP B 38 6.25 0.82 9.22
N LEU B 39 7.05 1.85 8.96
CA LEU B 39 8.39 1.70 8.42
C LEU B 39 9.35 2.28 9.45
N ALA B 40 10.40 1.54 9.79
CA ALA B 40 11.44 2.03 10.68
C ALA B 40 12.73 2.27 9.89
N SER B 41 13.42 3.36 10.22
CA SER B 41 14.67 3.71 9.57
C SER B 41 15.73 3.97 10.63
N SER B 42 16.97 3.55 10.33
CA SER B 42 18.12 3.84 11.18
C SER B 42 19.10 4.70 10.40
N SER B 43 19.91 5.49 11.11
CA SER B 43 20.81 6.35 10.36
C SER B 43 22.13 6.57 11.08
N ALA B 44 23.12 7.02 10.31
CA ALA B 44 24.39 7.48 10.88
C ALA B 44 24.22 8.69 11.80
N ASP B 45 23.05 9.34 11.78
CA ASP B 45 22.75 10.45 12.67
C ASP B 45 22.38 10.01 14.07
N LYS B 46 22.58 8.72 14.38
CA LYS B 46 22.32 8.08 15.68
C LYS B 46 20.84 7.91 15.97
N LEU B 47 19.96 8.15 14.99
CA LEU B 47 18.53 8.14 15.25
C LEU B 47 17.84 6.99 14.54
N ILE B 48 16.76 6.54 15.17
CA ILE B 48 15.73 5.71 14.54
C ILE B 48 14.52 6.60 14.30
N LYS B 49 13.88 6.45 13.15
CA LYS B 49 12.64 7.17 12.88
C LYS B 49 11.57 6.18 12.44
N ILE B 50 10.34 6.44 12.90
CA ILE B 50 9.16 5.65 12.56
C ILE B 50 8.26 6.48 11.67
N TRP B 51 7.81 5.87 10.57
CA TRP B 51 6.99 6.50 9.55
C TRP B 51 5.79 5.61 9.24
N GLY B 52 4.71 6.22 8.75
CA GLY B 52 3.57 5.45 8.30
C GLY B 52 3.92 4.66 7.04
N ALA B 53 3.59 3.36 7.03
CA ALA B 53 4.08 2.51 5.95
C ALA B 53 3.37 2.81 4.63
N TYR B 54 2.15 3.33 4.67
CA TYR B 54 1.34 3.54 3.47
C TYR B 54 1.37 4.97 2.96
N ASP B 55 1.50 5.97 3.85
CA ASP B 55 1.53 7.37 3.44
C ASP B 55 2.87 8.05 3.68
N GLY B 56 3.82 7.36 4.30
CA GLY B 56 5.10 7.97 4.61
C GLY B 56 5.07 9.05 5.67
N LYS B 57 3.95 9.24 6.36
CA LYS B 57 3.85 10.32 7.34
C LYS B 57 4.80 10.06 8.51
N PHE B 58 5.65 11.05 8.80
CA PHE B 58 6.56 10.92 9.93
C PHE B 58 5.79 10.71 11.23
N GLU B 59 6.17 9.69 11.97
CA GLU B 59 5.50 9.37 13.23
C GLU B 59 6.33 9.73 14.45
N LYS B 60 7.59 9.30 14.53
CA LYS B 60 8.36 9.67 15.71
C LYS B 60 9.85 9.44 15.50
N THR B 61 10.63 10.01 16.42
CA THR B 61 12.07 9.83 16.50
C THR B 61 12.41 9.13 17.80
N ILE B 62 13.28 8.13 17.72
CA ILE B 62 13.75 7.33 18.84
C ILE B 62 15.27 7.49 18.92
N SER B 63 15.75 7.94 20.08
CA SER B 63 17.17 8.20 20.28
C SER B 63 17.74 7.65 21.59
N GLY B 64 19.07 7.63 21.67
CA GLY B 64 19.78 7.15 22.84
C GLY B 64 21.10 6.48 22.50
N HIS B 65 21.28 6.06 21.26
CA HIS B 65 22.57 5.46 20.89
C HIS B 65 23.61 6.59 20.87
N LYS B 66 24.85 6.26 21.15
CA LYS B 66 25.91 7.26 21.24
C LYS B 66 26.66 7.46 19.93
N LEU B 67 26.52 6.53 18.98
CA LEU B 67 27.14 6.62 17.67
C LEU B 67 26.12 6.20 16.63
N GLY B 68 26.57 6.13 15.37
CA GLY B 68 25.66 5.81 14.29
C GLY B 68 25.02 4.45 14.47
N ILE B 69 23.83 4.30 13.89
CA ILE B 69 23.08 3.05 13.91
C ILE B 69 23.19 2.40 12.53
N SER B 70 23.59 1.14 12.50
CA SER B 70 23.75 0.39 11.27
C SER B 70 22.46 -0.31 10.82
N ASP B 71 21.63 -0.79 11.75
CA ASP B 71 20.54 -1.70 11.38
C ASP B 71 19.44 -1.62 12.43
N VAL B 72 18.21 -1.95 12.01
CA VAL B 72 17.08 -2.11 12.90
C VAL B 72 16.26 -3.32 12.43
N ALA B 73 15.51 -3.91 13.37
CA ALA B 73 14.65 -5.04 13.05
C ALA B 73 13.47 -5.07 14.02
N TRP B 74 12.33 -5.53 13.52
CA TRP B 74 11.08 -5.58 14.27
C TRP B 74 10.89 -6.94 14.93
N SER B 75 10.27 -6.94 16.11
CA SER B 75 9.75 -8.18 16.65
C SER B 75 8.50 -8.59 15.88
N SER B 76 8.10 -9.85 16.04
N SER B 76 8.10 -9.85 16.04
CA SER B 76 7.01 -10.40 15.22
CA SER B 76 7.01 -10.40 15.23
C SER B 76 5.68 -9.71 15.52
C SER B 76 5.68 -9.73 15.52
N ASP B 77 5.49 -9.25 16.75
CA ASP B 77 4.23 -8.60 17.13
C ASP B 77 4.23 -7.10 16.85
N SER B 78 5.28 -6.59 16.21
CA SER B 78 5.44 -5.20 15.81
C SER B 78 5.51 -4.24 17.00
N ASN B 79 5.69 -4.77 18.21
CA ASN B 79 5.74 -3.90 19.39
C ASN B 79 7.16 -3.54 19.80
N LEU B 80 8.18 -4.30 19.38
CA LEU B 80 9.56 -4.03 19.75
C LEU B 80 10.41 -3.76 18.51
N LEU B 81 11.46 -2.98 18.71
CA LEU B 81 12.52 -2.86 17.72
C LEU B 81 13.86 -3.15 18.39
N VAL B 82 14.79 -3.69 17.62
CA VAL B 82 16.17 -3.83 18.05
C VAL B 82 17.04 -3.06 17.06
N SER B 83 18.09 -2.41 17.58
CA SER B 83 18.98 -1.61 16.77
C SER B 83 20.42 -2.01 17.07
N ALA B 84 21.25 -1.99 16.04
CA ALA B 84 22.67 -2.32 16.14
C ALA B 84 23.47 -1.05 15.88
N SER B 85 24.43 -0.73 16.74
CA SER B 85 25.08 0.56 16.61
C SER B 85 26.61 0.45 16.61
N ASP B 86 27.24 1.50 16.08
CA ASP B 86 28.69 1.68 16.16
C ASP B 86 29.18 1.87 17.58
N ASP B 87 28.29 2.17 18.52
CA ASP B 87 28.68 2.25 19.93
C ASP B 87 28.88 0.88 20.55
N LYS B 88 28.92 -0.17 19.73
CA LYS B 88 29.20 -1.56 20.10
C LYS B 88 28.04 -2.22 20.83
N THR B 89 26.86 -1.61 20.85
CA THR B 89 25.73 -2.17 21.55
C THR B 89 24.54 -2.36 20.62
N LEU B 90 23.64 -3.23 21.05
CA LEU B 90 22.30 -3.31 20.50
C LEU B 90 21.35 -2.76 21.54
N LYS B 91 20.24 -2.19 21.09
CA LYS B 91 19.24 -1.68 22.01
C LYS B 91 17.88 -2.21 21.61
N ILE B 92 17.11 -2.63 22.61
CA ILE B 92 15.73 -3.06 22.43
C ILE B 92 14.83 -1.94 22.94
N TRP B 93 13.92 -1.50 22.07
CA TRP B 93 13.03 -0.37 22.28
C TRP B 93 11.59 -0.82 22.23
N ASP B 94 10.78 -0.24 23.12
CA ASP B 94 9.32 -0.28 23.01
C ASP B 94 8.89 0.79 22.02
N VAL B 95 8.32 0.38 20.89
CA VAL B 95 8.04 1.33 19.81
C VAL B 95 7.00 2.35 20.25
N SER B 96 6.01 1.92 21.03
CA SER B 96 4.94 2.81 21.46
C SER B 96 5.47 3.97 22.30
N SER B 97 6.28 3.66 23.32
CA SER B 97 6.79 4.69 24.22
C SER B 97 8.09 5.31 23.74
N GLY B 98 8.82 4.64 22.84
CA GLY B 98 10.11 5.13 22.40
C GLY B 98 11.23 4.92 23.37
N LYS B 99 11.01 4.17 24.46
CA LYS B 99 12.00 4.02 25.52
C LYS B 99 12.86 2.78 25.29
N CYS B 100 14.13 2.90 25.66
CA CYS B 100 15.04 1.77 25.58
C CYS B 100 14.71 0.79 26.71
N LEU B 101 14.31 -0.42 26.33
CA LEU B 101 14.03 -1.46 27.31
C LEU B 101 15.30 -2.19 27.72
N LYS B 102 16.17 -2.49 26.75
CA LYS B 102 17.35 -3.28 27.05
C LYS B 102 18.55 -2.74 26.29
N THR B 103 19.73 -2.85 26.89
CA THR B 103 20.99 -2.57 26.23
C THR B 103 21.83 -3.84 26.23
N LEU B 104 22.08 -4.38 25.04
CA LEU B 104 22.81 -5.64 24.86
C LEU B 104 24.29 -5.31 24.61
N LYS B 105 25.10 -5.61 25.60
CA LYS B 105 26.55 -5.42 25.63
C LYS B 105 27.41 -6.70 25.53
N GLY B 106 28.56 -6.61 24.84
CA GLY B 106 29.41 -7.77 24.68
C GLY B 106 30.25 -7.71 23.42
N HIS B 107 29.70 -7.19 22.34
CA HIS B 107 30.45 -7.08 21.12
C HIS B 107 31.61 -6.09 21.42
N SER B 108 32.76 -6.32 20.81
CA SER B 108 33.95 -5.50 21.04
C SER B 108 34.24 -4.53 19.89
N ASN B 109 33.34 -4.43 18.92
CA ASN B 109 33.47 -3.50 17.81
C ASN B 109 32.06 -3.17 17.33
N TYR B 110 31.96 -2.38 16.26
CA TYR B 110 30.66 -1.96 15.74
C TYR B 110 29.75 -3.17 15.52
N VAL B 111 28.48 -3.02 15.90
CA VAL B 111 27.46 -4.01 15.57
C VAL B 111 26.82 -3.61 14.25
N PHE B 112 26.90 -4.48 13.25
CA PHE B 112 26.50 -4.11 11.90
C PHE B 112 25.09 -4.57 11.53
N CYS B 113 24.64 -5.71 12.02
CA CYS B 113 23.38 -6.29 11.54
C CYS B 113 22.68 -7.02 12.67
N CYS B 114 21.35 -7.09 12.60
CA CYS B 114 20.56 -7.70 13.67
C CYS B 114 19.24 -8.20 13.14
N ASN B 115 18.66 -9.18 13.86
CA ASN B 115 17.33 -9.68 13.52
C ASN B 115 16.75 -10.40 14.73
N PHE B 116 15.43 -10.31 14.88
CA PHE B 116 14.70 -11.20 15.78
C PHE B 116 14.50 -12.55 15.10
N ASN B 117 14.30 -13.58 15.91
CA ASN B 117 13.80 -14.83 15.35
C ASN B 117 12.27 -14.73 15.26
N PRO B 118 11.64 -15.62 14.47
CA PRO B 118 10.17 -15.49 14.31
C PRO B 118 9.39 -15.50 15.61
N GLN B 119 9.80 -16.34 16.58
CA GLN B 119 9.17 -16.34 17.89
C GLN B 119 9.46 -15.07 18.67
N SER B 120 10.54 -14.37 18.33
CA SER B 120 10.95 -13.10 18.90
C SER B 120 11.37 -13.22 20.36
N ASN B 121 11.79 -14.41 20.78
CA ASN B 121 12.44 -14.57 22.07
C ASN B 121 13.96 -14.49 21.97
N LEU B 122 14.51 -14.44 20.76
CA LEU B 122 15.95 -14.35 20.54
C LEU B 122 16.28 -13.21 19.57
N ILE B 123 17.50 -12.71 19.69
CA ILE B 123 18.06 -11.75 18.74
C ILE B 123 19.40 -12.28 18.26
N VAL B 124 19.66 -12.15 16.96
CA VAL B 124 20.96 -12.49 16.38
C VAL B 124 21.62 -11.21 15.90
N SER B 125 22.93 -11.10 16.12
CA SER B 125 23.68 -9.91 15.73
C SER B 125 25.00 -10.32 15.09
N GLY B 126 25.46 -9.51 14.16
CA GLY B 126 26.79 -9.66 13.58
C GLY B 126 27.59 -8.37 13.74
N SER B 127 28.90 -8.52 13.90
CA SER B 127 29.70 -7.36 14.31
C SER B 127 31.01 -7.30 13.54
N PHE B 128 31.60 -6.10 13.53
CA PHE B 128 32.94 -5.92 13.00
C PHE B 128 33.96 -6.70 13.81
N ASP B 129 33.60 -7.16 15.02
CA ASP B 129 34.47 -8.03 15.80
C ASP B 129 34.50 -9.46 15.27
N GLU B 130 33.81 -9.72 14.15
CA GLU B 130 33.84 -10.96 13.36
C GLU B 130 33.03 -12.08 14.01
N SER B 131 32.30 -11.80 15.07
CA SER B 131 31.50 -12.82 15.73
C SER B 131 30.03 -12.64 15.41
N VAL B 132 29.27 -13.71 15.62
CA VAL B 132 27.81 -13.65 15.61
C VAL B 132 27.35 -13.93 17.03
N ARG B 133 26.45 -13.11 17.56
CA ARG B 133 25.99 -13.33 18.92
C ARG B 133 24.50 -13.62 18.93
N ILE B 134 24.10 -14.51 19.84
CA ILE B 134 22.70 -14.88 20.06
C ILE B 134 22.32 -14.45 21.46
N TRP B 135 21.29 -13.61 21.55
CA TRP B 135 20.86 -12.95 22.78
C TRP B 135 19.45 -13.40 23.14
N ASP B 136 19.22 -13.52 24.45
CA ASP B 136 17.89 -13.78 24.98
C ASP B 136 17.19 -12.44 25.14
N VAL B 137 16.04 -12.29 24.49
CA VAL B 137 15.31 -11.01 24.52
C VAL B 137 14.85 -10.68 25.94
N LYS B 138 14.33 -11.69 26.65
CA LYS B 138 13.68 -11.41 27.93
C LYS B 138 14.69 -11.07 29.02
N THR B 139 15.84 -11.76 29.05
CA THR B 139 16.84 -11.46 30.06
C THR B 139 17.89 -10.46 29.58
N GLY B 140 17.99 -10.24 28.27
CA GLY B 140 19.01 -9.37 27.72
C GLY B 140 20.43 -9.92 27.74
N LYS B 141 20.61 -11.17 28.13
CA LYS B 141 21.95 -11.74 28.21
C LYS B 141 22.37 -12.33 26.87
N CYS B 142 23.67 -12.33 26.63
CA CYS B 142 24.23 -13.01 25.46
C CYS B 142 24.24 -14.51 25.75
N LEU B 143 23.51 -15.26 24.94
CA LEU B 143 23.46 -16.71 25.14
C LEU B 143 24.65 -17.39 24.48
N LYS B 144 25.01 -16.97 23.27
CA LYS B 144 26.08 -17.65 22.57
C LYS B 144 26.91 -16.65 21.78
N THR B 145 28.22 -16.90 21.75
CA THR B 145 29.15 -16.14 20.91
C THR B 145 29.77 -17.11 19.92
N LEU B 146 29.52 -16.84 18.64
CA LEU B 146 29.91 -17.73 17.55
C LEU B 146 31.13 -17.13 16.87
N PRO B 147 32.27 -17.83 16.84
CA PRO B 147 33.42 -17.34 16.07
C PRO B 147 33.18 -17.56 14.59
N ALA B 148 32.27 -16.75 14.03
CA ALA B 148 31.61 -17.07 12.77
C ALA B 148 32.49 -16.84 11.56
N HIS B 149 33.33 -15.79 11.59
CA HIS B 149 34.03 -15.34 10.39
C HIS B 149 35.39 -14.77 10.78
N SER B 150 36.21 -14.49 9.75
CA SER B 150 37.52 -13.87 9.94
C SER B 150 37.57 -12.45 9.37
N ASP B 151 36.41 -11.83 9.23
CA ASP B 151 36.28 -10.43 8.82
C ASP B 151 34.92 -9.95 9.30
N PRO B 152 34.61 -8.66 9.19
CA PRO B 152 33.31 -8.17 9.65
C PRO B 152 32.15 -8.97 9.06
N VAL B 153 31.12 -9.18 9.89
CA VAL B 153 29.93 -9.94 9.53
C VAL B 153 28.93 -9.00 8.84
N SER B 154 28.60 -9.29 7.59
CA SER B 154 27.78 -8.38 6.79
C SER B 154 26.28 -8.64 6.89
N ALA B 155 25.86 -9.83 7.32
CA ALA B 155 24.43 -10.10 7.45
C ALA B 155 24.20 -11.28 8.37
N VAL B 156 23.06 -11.26 9.07
CA VAL B 156 22.58 -12.39 9.87
C VAL B 156 21.06 -12.45 9.68
N HIS B 157 20.52 -13.67 9.59
CA HIS B 157 19.09 -13.82 9.35
C HIS B 157 18.63 -15.18 9.86
N PHE B 158 17.49 -15.20 10.55
CA PHE B 158 16.89 -16.45 11.01
C PHE B 158 16.02 -17.06 9.92
N ASN B 159 15.97 -18.39 9.90
CA ASN B 159 15.05 -19.10 9.03
C ASN B 159 13.64 -19.08 9.59
N ARG B 160 12.79 -19.91 8.99
CA ARG B 160 11.36 -19.75 9.08
C ARG B 160 10.80 -20.27 10.40
N ASP B 161 11.49 -21.21 11.05
CA ASP B 161 11.14 -21.64 12.41
C ASP B 161 12.20 -21.27 13.44
N GLY B 162 13.17 -20.44 13.07
CA GLY B 162 14.22 -20.02 13.98
C GLY B 162 15.30 -21.05 14.25
N SER B 163 15.22 -22.24 13.66
CA SER B 163 16.19 -23.29 13.91
C SER B 163 17.55 -23.03 13.27
N LEU B 164 17.60 -22.14 12.27
CA LEU B 164 18.83 -21.89 11.52
C LEU B 164 19.14 -20.40 11.49
N ILE B 165 20.42 -20.08 11.44
CA ILE B 165 20.91 -18.72 11.21
C ILE B 165 21.84 -18.75 10.00
N VAL B 166 21.63 -17.84 9.05
CA VAL B 166 22.58 -17.68 7.94
C VAL B 166 23.37 -16.41 8.17
N SER B 167 24.68 -16.47 7.93
CA SER B 167 25.59 -15.34 8.11
C SER B 167 26.50 -15.22 6.91
N SER B 168 26.97 -13.99 6.66
CA SER B 168 27.89 -13.71 5.56
C SER B 168 28.98 -12.77 6.04
N SER B 169 30.07 -12.70 5.28
CA SER B 169 31.18 -11.85 5.72
C SER B 169 32.04 -11.44 4.53
N TYR B 170 32.82 -10.39 4.77
CA TYR B 170 33.86 -9.99 3.83
C TYR B 170 34.95 -11.04 3.69
N ASP B 171 35.02 -12.04 4.57
CA ASP B 171 36.00 -13.10 4.40
C ASP B 171 35.68 -14.01 3.22
N GLY B 172 34.52 -13.84 2.58
CA GLY B 172 34.14 -14.60 1.42
C GLY B 172 33.25 -15.80 1.67
N LEU B 173 32.80 -16.01 2.91
CA LEU B 173 32.05 -17.19 3.27
C LEU B 173 30.57 -16.87 3.53
N CYS B 174 29.71 -17.84 3.24
CA CYS B 174 28.36 -17.86 3.77
C CYS B 174 28.20 -19.09 4.65
N ARG B 175 27.70 -18.93 5.87
CA ARG B 175 27.61 -20.07 6.77
C ARG B 175 26.20 -20.20 7.34
N ILE B 176 25.81 -21.44 7.58
CA ILE B 176 24.53 -21.75 8.20
C ILE B 176 24.81 -22.45 9.52
N TRP B 177 24.15 -21.96 10.58
CA TRP B 177 24.39 -22.30 11.97
C TRP B 177 23.13 -22.88 12.59
N ASP B 178 23.32 -23.86 13.47
CA ASP B 178 22.25 -24.42 14.28
C ASP B 178 22.01 -23.50 15.47
N THR B 179 20.79 -22.94 15.55
CA THR B 179 20.52 -21.91 16.56
C THR B 179 20.70 -22.46 17.97
N ALA B 180 20.20 -23.67 18.23
CA ALA B 180 20.18 -24.22 19.58
C ALA B 180 21.59 -24.49 20.10
N SER B 181 22.49 -24.97 19.24
CA SER B 181 23.83 -25.35 19.66
C SER B 181 24.89 -24.33 19.31
N GLY B 182 24.62 -23.42 18.37
CA GLY B 182 25.65 -22.53 17.89
C GLY B 182 26.68 -23.16 16.98
N GLN B 183 26.50 -24.43 16.60
CA GLN B 183 27.51 -25.09 15.79
C GLN B 183 27.20 -24.91 14.31
N CYS B 184 28.27 -24.90 13.51
CA CYS B 184 28.12 -24.67 12.08
C CYS B 184 27.53 -25.91 11.42
N LEU B 185 26.44 -25.70 10.67
CA LEU B 185 25.83 -26.78 9.93
C LEU B 185 26.32 -26.85 8.50
N LYS B 186 26.71 -25.72 7.92
CA LYS B 186 27.15 -25.75 6.53
C LYS B 186 27.97 -24.51 6.20
N THR B 187 28.93 -24.67 5.28
CA THR B 187 29.68 -23.54 4.73
C THR B 187 29.55 -23.56 3.22
N LEU B 188 29.19 -22.43 2.64
CA LEU B 188 29.20 -22.22 1.20
C LEU B 188 30.30 -21.23 0.84
N ILE B 189 31.19 -21.64 -0.07
CA ILE B 189 32.35 -20.86 -0.46
C ILE B 189 32.56 -20.93 -1.97
N ASN B 193 36.81 -16.04 -5.31
CA ASN B 193 36.04 -15.90 -4.08
C ASN B 193 35.98 -14.44 -3.61
N PRO B 194 34.85 -13.79 -3.87
CA PRO B 194 34.66 -12.38 -3.48
C PRO B 194 33.85 -12.27 -2.19
N PRO B 195 34.01 -11.13 -1.50
CA PRO B 195 33.28 -10.91 -0.24
C PRO B 195 31.78 -11.08 -0.41
N VAL B 196 31.16 -11.73 0.57
CA VAL B 196 29.72 -11.92 0.59
C VAL B 196 29.12 -10.76 1.38
N SER B 197 28.42 -9.87 0.68
CA SER B 197 27.98 -8.60 1.25
C SER B 197 26.56 -8.64 1.78
N PHE B 198 25.79 -9.69 1.50
CA PHE B 198 24.44 -9.82 2.02
C PHE B 198 23.95 -11.26 1.83
N VAL B 199 23.15 -11.73 2.78
CA VAL B 199 22.47 -13.02 2.68
C VAL B 199 21.15 -12.95 3.43
N LYS B 200 20.20 -13.77 2.98
CA LYS B 200 18.91 -13.85 3.64
C LYS B 200 18.19 -15.12 3.16
N PHE B 201 17.42 -15.72 4.07
CA PHE B 201 16.56 -16.85 3.70
C PHE B 201 15.37 -16.38 2.88
N SER B 202 14.95 -17.23 1.94
CA SER B 202 13.77 -16.95 1.14
C SER B 202 12.53 -17.02 2.02
N PRO B 203 11.41 -16.44 1.55
CA PRO B 203 10.16 -16.57 2.31
C PRO B 203 9.77 -18.02 2.57
N ASN B 204 9.90 -18.90 1.57
CA ASN B 204 9.64 -20.32 1.80
C ASN B 204 10.72 -21.00 2.64
N GLY B 205 11.82 -20.30 2.93
CA GLY B 205 12.89 -20.83 3.76
C GLY B 205 13.76 -21.89 3.11
N LYS B 206 13.50 -22.27 1.87
CA LYS B 206 14.28 -23.30 1.21
C LYS B 206 15.50 -22.76 0.49
N TYR B 207 15.52 -21.47 0.17
CA TYR B 207 16.59 -20.88 -0.61
C TYR B 207 17.29 -19.80 0.18
N ILE B 208 18.46 -19.40 -0.29
CA ILE B 208 19.21 -18.28 0.28
C ILE B 208 19.60 -17.35 -0.86
N LEU B 209 19.34 -16.06 -0.69
CA LEU B 209 19.77 -15.03 -1.64
C LEU B 209 21.05 -14.40 -1.11
N ALA B 210 22.12 -14.46 -1.90
CA ALA B 210 23.44 -14.02 -1.45
C ALA B 210 24.02 -13.02 -2.45
N ALA B 211 24.52 -11.90 -1.95
CA ALA B 211 25.15 -10.89 -2.80
C ALA B 211 26.67 -10.96 -2.62
N THR B 212 27.39 -10.78 -3.71
CA THR B 212 28.85 -10.69 -3.65
C THR B 212 29.31 -9.39 -4.28
N LEU B 213 30.47 -8.90 -3.84
CA LEU B 213 30.98 -7.61 -4.31
C LEU B 213 31.60 -7.71 -5.70
N ASP B 214 31.05 -8.55 -6.55
CA ASP B 214 31.39 -8.62 -7.96
C ASP B 214 30.14 -8.37 -8.80
N ASN B 215 29.27 -7.50 -8.30
CA ASN B 215 28.07 -7.04 -9.02
C ASN B 215 27.11 -8.20 -9.30
N THR B 216 27.01 -9.14 -8.35
CA THR B 216 26.26 -10.36 -8.60
C THR B 216 25.40 -10.74 -7.39
N LEU B 217 24.15 -11.11 -7.66
CA LEU B 217 23.28 -11.76 -6.69
C LEU B 217 23.06 -13.20 -7.15
N LYS B 218 22.96 -14.12 -6.19
CA LYS B 218 22.79 -15.53 -6.49
C LYS B 218 21.74 -16.14 -5.57
N LEU B 219 20.87 -16.96 -6.17
CA LEU B 219 19.88 -17.74 -5.46
C LEU B 219 20.41 -19.16 -5.36
N TRP B 220 20.59 -19.63 -4.11
CA TRP B 220 21.14 -20.92 -3.79
C TRP B 220 20.06 -21.81 -3.18
N ASP B 221 20.06 -23.07 -3.56
CA ASP B 221 19.33 -24.09 -2.83
C ASP B 221 20.21 -24.54 -1.67
N TYR B 222 19.77 -24.24 -0.44
CA TYR B 222 20.64 -24.43 0.71
C TYR B 222 20.86 -25.91 1.00
N SER B 223 19.86 -26.76 0.73
CA SER B 223 20.03 -28.18 0.98
C SER B 223 21.02 -28.82 0.00
N LYS B 224 20.83 -28.60 -1.29
CA LYS B 224 21.74 -29.15 -2.29
C LYS B 224 23.06 -28.40 -2.38
N GLY B 225 23.13 -27.18 -1.85
CA GLY B 225 24.35 -26.41 -2.00
C GLY B 225 24.65 -26.07 -3.45
N LYS B 226 23.62 -25.78 -4.23
CA LYS B 226 23.73 -25.50 -5.66
C LYS B 226 23.18 -24.11 -5.96
N CYS B 227 23.86 -23.39 -6.84
CA CYS B 227 23.37 -22.08 -7.29
C CYS B 227 22.30 -22.29 -8.35
N LEU B 228 21.10 -21.79 -8.08
CA LEU B 228 19.98 -21.96 -9.00
C LEU B 228 19.78 -20.77 -9.92
N LYS B 229 20.01 -19.56 -9.44
CA LYS B 229 19.83 -18.38 -10.31
C LYS B 229 20.90 -17.34 -10.03
N THR B 230 21.20 -16.51 -11.03
CA THR B 230 22.08 -15.37 -10.82
C THR B 230 21.47 -14.14 -11.47
N TYR B 231 21.64 -13.00 -10.80
CA TYR B 231 21.06 -11.73 -11.20
C TYR B 231 22.16 -10.69 -11.28
N THR B 232 22.25 -10.00 -12.41
CA THR B 232 23.27 -8.98 -12.63
C THR B 232 22.62 -7.79 -13.33
N GLY B 233 23.41 -6.72 -13.49
CA GLY B 233 22.96 -5.48 -14.09
C GLY B 233 23.05 -4.29 -13.15
N HIS B 234 23.09 -4.54 -11.85
CA HIS B 234 23.26 -3.51 -10.84
C HIS B 234 24.76 -3.27 -10.62
N LYS B 235 25.08 -2.32 -9.73
CA LYS B 235 26.46 -2.00 -9.39
C LYS B 235 26.66 -2.31 -7.92
N ASN B 236 27.56 -3.26 -7.61
CA ASN B 236 27.81 -3.62 -6.21
C ASN B 236 29.23 -4.17 -6.08
N GLU B 237 30.17 -3.25 -5.81
CA GLU B 237 31.56 -3.63 -5.58
C GLU B 237 32.10 -3.10 -4.25
N LYS B 238 31.32 -2.35 -3.49
CA LYS B 238 31.87 -1.71 -2.32
C LYS B 238 31.01 -1.87 -1.07
N TYR B 239 29.69 -1.78 -1.21
CA TYR B 239 28.82 -1.67 -0.05
C TYR B 239 28.00 -2.94 0.17
N CYS B 240 27.60 -3.16 1.42
CA CYS B 240 26.68 -4.21 1.78
C CYS B 240 25.27 -3.67 1.58
N ILE B 241 24.59 -4.15 0.54
CA ILE B 241 23.29 -3.62 0.14
C ILE B 241 22.23 -4.67 0.45
N PHE B 242 21.15 -4.23 1.09
CA PHE B 242 20.02 -5.13 1.35
C PHE B 242 19.40 -5.57 0.03
N ALA B 243 19.00 -6.83 -0.04
CA ALA B 243 18.22 -7.36 -1.14
C ALA B 243 17.03 -8.10 -0.56
N ASN B 244 16.03 -8.36 -1.42
CA ASN B 244 14.75 -8.88 -0.95
C ASN B 244 14.12 -9.81 -1.98
N PHE B 245 13.30 -10.72 -1.47
CA PHE B 245 12.29 -11.40 -2.27
C PHE B 245 10.99 -10.61 -2.18
N SER B 246 10.42 -10.25 -3.32
CA SER B 246 9.10 -9.64 -3.38
C SER B 246 8.10 -10.72 -3.77
N VAL B 247 7.15 -11.00 -2.86
CA VAL B 247 6.24 -12.13 -3.01
C VAL B 247 4.77 -11.72 -2.92
N THR B 248 4.46 -10.44 -2.70
CA THR B 248 3.07 -10.04 -2.59
C THR B 248 2.35 -10.09 -3.93
N GLY B 249 3.07 -9.85 -5.02
CA GLY B 249 2.46 -9.97 -6.35
C GLY B 249 3.23 -10.96 -7.20
N GLY B 250 3.82 -10.49 -8.29
CA GLY B 250 4.77 -11.31 -9.01
C GLY B 250 6.00 -11.58 -8.17
N LYS B 251 6.69 -12.68 -8.48
CA LYS B 251 7.84 -13.09 -7.70
C LYS B 251 9.08 -12.39 -8.24
N TRP B 252 9.54 -11.37 -7.51
CA TRP B 252 10.68 -10.59 -7.95
C TRP B 252 11.84 -10.71 -6.96
N ILE B 253 13.02 -10.35 -7.45
CA ILE B 253 14.17 -10.04 -6.62
C ILE B 253 14.36 -8.52 -6.66
N VAL B 254 14.57 -7.91 -5.49
CA VAL B 254 14.73 -6.46 -5.39
C VAL B 254 16.07 -6.16 -4.72
N SER B 255 16.79 -5.17 -5.24
CA SER B 255 18.05 -4.78 -4.61
C SER B 255 18.32 -3.29 -4.82
N GLY B 256 19.11 -2.72 -3.92
CA GLY B 256 19.73 -1.43 -4.17
C GLY B 256 20.93 -1.59 -5.07
N SER B 257 21.57 -0.47 -5.37
CA SER B 257 22.70 -0.47 -6.30
C SER B 257 23.54 0.78 -6.08
N GLU B 258 24.83 0.65 -6.39
CA GLU B 258 25.74 1.78 -6.24
C GLU B 258 25.61 2.79 -7.37
N ASP B 259 24.71 2.55 -8.35
CA ASP B 259 24.40 3.54 -9.36
C ASP B 259 23.12 4.31 -9.03
N ASN B 260 22.71 4.32 -7.76
CA ASN B 260 21.62 5.12 -7.23
C ASN B 260 20.24 4.65 -7.68
N LEU B 261 20.12 3.45 -8.24
CA LEU B 261 18.87 2.93 -8.74
C LEU B 261 18.40 1.74 -7.90
N VAL B 262 17.08 1.47 -7.95
CA VAL B 262 16.54 0.24 -7.39
C VAL B 262 16.32 -0.75 -8.53
N TYR B 263 16.89 -1.95 -8.42
CA TYR B 263 16.75 -2.97 -9.44
C TYR B 263 15.72 -4.01 -9.04
N ILE B 264 14.85 -4.38 -9.98
CA ILE B 264 13.85 -5.42 -9.80
C ILE B 264 13.99 -6.41 -10.96
N TRP B 265 14.26 -7.68 -10.61
CA TRP B 265 14.40 -8.79 -11.54
C TRP B 265 13.23 -9.76 -11.41
N ASN B 266 12.89 -10.39 -12.52
CA ASN B 266 12.02 -11.56 -12.48
C ASN B 266 12.80 -12.74 -11.89
N LEU B 267 12.31 -13.28 -10.77
CA LEU B 267 13.04 -14.32 -10.06
C LEU B 267 13.38 -15.50 -10.96
N GLN B 268 12.44 -15.93 -11.80
CA GLN B 268 12.63 -17.15 -12.57
C GLN B 268 13.44 -16.91 -13.85
N THR B 269 13.12 -15.86 -14.60
CA THR B 269 13.82 -15.61 -15.87
C THR B 269 15.14 -14.87 -15.68
N LYS B 270 15.35 -14.26 -14.52
CA LYS B 270 16.49 -13.42 -14.18
C LYS B 270 16.58 -12.15 -15.03
N GLU B 271 15.54 -11.81 -15.80
CA GLU B 271 15.53 -10.58 -16.56
C GLU B 271 15.21 -9.39 -15.67
N ILE B 272 15.87 -8.26 -15.93
CA ILE B 272 15.52 -7.03 -15.24
C ILE B 272 14.16 -6.56 -15.73
N VAL B 273 13.22 -6.42 -14.79
CA VAL B 273 11.88 -5.95 -15.17
C VAL B 273 11.68 -4.48 -14.81
N GLN B 274 12.43 -3.94 -13.86
CA GLN B 274 12.26 -2.53 -13.54
C GLN B 274 13.52 -1.95 -12.94
N LYS B 275 13.74 -0.67 -13.21
CA LYS B 275 14.80 0.13 -12.59
C LYS B 275 14.17 1.42 -12.09
N LEU B 276 14.22 1.63 -10.78
CA LEU B 276 13.56 2.76 -10.15
C LEU B 276 14.56 3.88 -9.95
N GLN B 277 14.27 5.04 -10.53
CA GLN B 277 15.16 6.20 -10.45
C GLN B 277 14.64 7.30 -9.51
N GLY B 278 15.57 8.10 -9.00
CA GLY B 278 15.23 9.18 -8.09
C GLY B 278 16.27 9.42 -7.01
N HIS B 279 16.87 8.37 -6.46
CA HIS B 279 17.83 8.61 -5.42
C HIS B 279 19.05 9.27 -6.02
N THR B 280 19.78 9.99 -5.19
CA THR B 280 20.97 10.71 -5.63
C THR B 280 22.23 10.19 -4.95
N ASP B 281 22.16 9.01 -4.35
CA ASP B 281 23.34 8.35 -3.81
C ASP B 281 23.05 6.87 -3.80
N VAL B 282 24.06 6.08 -3.42
CA VAL B 282 23.96 4.63 -3.34
C VAL B 282 22.69 4.23 -2.61
N VAL B 283 21.86 3.41 -3.26
CA VAL B 283 20.67 2.86 -2.62
C VAL B 283 21.15 1.72 -1.73
N ILE B 284 21.35 2.02 -0.45
CA ILE B 284 21.96 1.07 0.47
C ILE B 284 20.93 0.10 1.01
N SER B 285 19.65 0.45 1.00
CA SER B 285 18.69 -0.45 1.62
C SER B 285 17.37 -0.45 0.86
N THR B 286 16.77 -1.64 0.76
CA THR B 286 15.43 -1.79 0.22
C THR B 286 14.66 -2.76 1.09
N ALA B 287 13.34 -2.62 1.09
CA ALA B 287 12.46 -3.47 1.87
C ALA B 287 11.14 -3.63 1.14
N CYS B 288 10.51 -4.77 1.36
CA CYS B 288 9.24 -5.10 0.70
C CYS B 288 8.13 -5.20 1.74
N HIS B 289 7.00 -4.57 1.45
CA HIS B 289 5.88 -4.59 2.39
C HIS B 289 5.36 -6.02 2.53
N PRO B 290 4.92 -6.41 3.74
CA PRO B 290 4.53 -7.82 3.95
C PRO B 290 3.25 -8.24 3.25
N THR B 291 2.34 -7.32 2.89
CA THR B 291 1.07 -7.75 2.29
C THR B 291 0.71 -6.98 1.03
N GLU B 292 1.14 -5.73 0.92
CA GLU B 292 0.86 -4.88 -0.24
C GLU B 292 2.10 -4.78 -1.13
N ASN B 293 1.87 -4.40 -2.39
CA ASN B 293 2.95 -4.24 -3.37
C ASN B 293 3.57 -2.85 -3.20
N ILE B 294 4.41 -2.73 -2.18
CA ILE B 294 5.07 -1.48 -1.81
C ILE B 294 6.53 -1.77 -1.50
N ILE B 295 7.42 -0.92 -2.01
CA ILE B 295 8.85 -1.02 -1.78
C ILE B 295 9.30 0.24 -1.06
N ALA B 296 10.17 0.07 -0.06
CA ALA B 296 10.89 1.18 0.57
C ALA B 296 12.35 1.12 0.17
N SER B 297 12.94 2.28 -0.12
CA SER B 297 14.34 2.38 -0.51
C SER B 297 15.00 3.51 0.27
N ALA B 298 16.31 3.40 0.49
CA ALA B 298 17.03 4.42 1.23
C ALA B 298 18.47 4.50 0.77
N ALA B 299 19.03 5.71 0.82
CA ALA B 299 20.29 6.04 0.18
C ALA B 299 21.25 6.75 1.14
N LEU B 300 22.50 6.84 0.71
CA LEU B 300 23.57 7.35 1.56
C LEU B 300 23.58 8.88 1.58
N GLU B 301 24.62 9.47 2.18
CA GLU B 301 24.58 10.83 2.70
C GLU B 301 24.43 11.92 1.64
N ASN B 302 24.74 11.67 0.38
CA ASN B 302 24.42 12.70 -0.61
C ASN B 302 22.92 12.81 -0.84
N ASP B 303 22.15 11.88 -0.30
CA ASP B 303 20.72 11.80 -0.50
C ASP B 303 19.97 11.91 0.82
N LYS B 304 20.19 10.97 1.73
CA LYS B 304 19.63 10.95 3.09
C LYS B 304 18.12 10.77 3.12
N THR B 305 17.49 10.40 2.00
CA THR B 305 16.04 10.25 1.98
C THR B 305 15.64 8.79 1.85
N ILE B 306 14.39 8.52 2.22
CA ILE B 306 13.72 7.25 2.05
C ILE B 306 12.58 7.47 1.06
N LYS B 307 12.39 6.53 0.14
CA LYS B 307 11.33 6.64 -0.85
C LYS B 307 10.42 5.42 -0.79
N LEU B 308 9.12 5.68 -0.95
CA LEU B 308 8.09 4.66 -1.02
C LEU B 308 7.59 4.57 -2.45
N TRP B 309 7.58 3.36 -2.99
CA TRP B 309 7.14 3.08 -4.36
C TRP B 309 6.00 2.07 -4.30
N LYS B 310 5.01 2.26 -5.16
CA LYS B 310 3.84 1.40 -5.18
C LYS B 310 3.59 0.86 -6.58
N SER B 311 3.15 -0.39 -6.65
CA SER B 311 2.91 -1.08 -7.91
C SER B 311 1.49 -1.63 -7.89
N ASP B 312 0.93 -1.83 -9.09
CA ASP B 312 -0.38 -2.44 -9.21
C ASP B 312 -0.33 -3.97 -9.16
N CYS B 313 0.85 -4.57 -9.25
CA CYS B 313 0.96 -6.01 -9.21
C CYS B 313 2.32 -6.47 -8.67
C10 Q41 C . -25.29 7.63 -6.71
C13 Q41 C . -23.75 5.56 -6.26
C15 Q41 C . -23.31 5.02 -8.44
C17 Q41 C . -29.24 9.52 -11.95
C20 Q41 C . -28.74 7.89 -10.23
C21 Q41 C . -28.68 6.89 -11.19
C22 Q41 C . -28.92 7.19 -12.54
C24 Q41 C . -33.55 1.41 -5.29
C26 Q41 C . -33.43 2.80 -5.19
C28 Q41 C . -31.08 2.63 -5.70
C01 Q41 C . -32.09 4.93 -5.26
C02 Q41 C . -29.95 6.07 -5.71
C03 Q41 C . -29.00 6.64 -6.66
C04 Q41 C . -29.40 6.97 -7.95
C05 Q41 C . -30.86 6.71 -8.36
C06 Q41 C . -31.38 5.43 -7.66
C07 Q41 C . -28.47 7.51 -8.85
C08 Q41 C . -27.15 7.71 -8.41
C09 Q41 C . -26.74 7.39 -7.12
C11 Q41 C . -27.67 6.85 -6.25
C12 Q41 C . -22.26 3.55 -6.63
C14 Q41 C . -24.08 6.12 -8.54
C16 Q41 C . -29.18 8.50 -12.88
C18 Q41 C . -29.02 9.22 -10.60
C19 Q41 C . -29.08 10.33 -9.57
C23 Q41 C . -32.45 0.63 -5.60
C25 Q41 C . -35.77 1.17 -4.15
C27 Q41 C . -32.19 3.42 -5.39
C29 Q41 C . -31.22 1.25 -5.80
C30 Q41 C . -28.78 0.86 -6.17
F01 Q41 C . -29.41 8.79 -14.19
N01 Q41 C . -31.10 5.48 -6.20
N02 Q41 C . -23.10 4.66 -7.09
N03 Q41 C . -24.55 6.41 -7.15
N04 Q41 C . -23.82 5.52 -5.02
O01 Q41 C . -29.75 6.10 -4.49
O02 Q41 C . -34.75 0.76 -5.09
O03 Q41 C . -30.16 0.42 -6.09
C10 Q41 D . 23.66 -1.21 5.12
C13 Q41 D . 23.34 -3.75 5.67
C15 Q41 D . 23.03 -3.53 7.92
C17 Q41 D . 25.72 4.26 8.73
C20 Q41 D . 26.19 2.04 7.87
C21 Q41 D . 26.51 1.62 9.16
C22 Q41 D . 26.44 2.50 10.24
C24 Q41 D . 33.94 -2.78 5.57
C26 Q41 D . 33.19 -1.79 4.93
C28 Q41 D . 31.16 -2.87 5.64
C01 Q41 D . 31.03 -0.75 4.21
C02 Q41 D . 28.58 -0.66 4.37
C03 Q41 D . 27.37 -0.28 5.09
C04 Q41 D . 27.43 0.69 6.10
C05 Q41 D . 28.77 1.34 6.43
C06 Q41 D . 29.91 0.31 6.25
C07 Q41 D . 26.25 1.06 6.79
C08 Q41 D . 25.04 0.42 6.45
C09 Q41 D . 25.00 -0.54 5.44
C11 Q41 D . 26.16 -0.89 4.77
C12 Q41 D . 22.96 -5.89 6.95
C14 Q41 D . 23.18 -2.27 7.52
C16 Q41 D . 26.04 3.80 10.00
C18 Q41 D . 25.79 3.37 7.65
C19 Q41 D . 25.43 3.87 6.26
C23 Q41 D . 33.32 -3.80 6.27
C25 Q41 D . 36.19 -3.88 5.90
C27 Q41 D . 31.80 -1.83 4.95
C29 Q41 D . 31.93 -3.84 6.30
C30 Q41 D . 29.96 -5.21 7.02
F01 Q41 D . 25.98 4.68 11.03
N01 Q41 D . 29.81 -0.37 4.94
N02 Q41 D . 23.12 -4.44 6.85
N03 Q41 D . 23.56 -2.36 6.06
N04 Q41 D . 23.51 -4.23 4.54
O01 Q41 D . 28.57 -1.24 3.27
O02 Q41 D . 35.33 -2.76 5.57
O03 Q41 D . 31.37 -4.89 7.00
#